data_7YQK
#
_entry.id   7YQK
#
_cell.length_a   1.00
_cell.length_b   1.00
_cell.length_c   1.00
_cell.angle_alpha   90.00
_cell.angle_beta   90.00
_cell.angle_gamma   90.00
#
_symmetry.space_group_name_H-M   'P 1'
#
loop_
_entity.id
_entity.type
_entity.pdbx_description
1 polymer 'Histone H3.1'
2 polymer 'Histone H4'
3 polymer 'Histone H2AX'
4 polymer 'Histone H2B'
5 polymer 'DNA (145-MER)'
6 polymer 'DNA (145-MER)'
7 polymer Polyubiquitin-B
8 polymer 'UDR motif of 53BP1'
9 polymer 'TP53-binding protein 1'
#
loop_
_entity_poly.entity_id
_entity_poly.type
_entity_poly.pdbx_seq_one_letter_code
_entity_poly.pdbx_strand_id
1 'polypeptide(L)'
;KKPHRYRPGTVALREIRRYQKSTELLIRKLPFQRLVREIAQDFKTDLRFQSSAVMALQEACEAYLVGLFEDTNLCAIHAK
RVTIMPKDIQLARRIRGERA
;
A,E
2 'polypeptide(L)'
;KVLRDNIQGITKPAIRRLARRGGVKRISGLIYEETRGVLKVFLENVIRDAVTYTEHAKRKTVTAMDVVYALKRQGRTLYG
FGG
;
B,F
3 'polypeptide(L)'
;ARAKACTRSSRAGLQFPVGRVHRLLRKGHYSERVGAGAPVYLAAVLEYLTAEILELAGNAARDNKKTRIIPRHLQLAIRN
DEELNKLLGGVTIAQGGVLPNIQAVLLPKKTE
;
C,G
4 'polypeptide(L)'
;RKRSRKESYSVYVYKVLKQVHPDTGISSKAMGIMNSFVNDIFERIAGEASRLAHYNKRSTITSREIQTAVRLLLPGELAK
HAVSEGTKAVTKYTSA
;
D,H
5 'polydeoxyribonucleotide'
;(DA)(DT)(DC)(DA)(DG)(DA)(DA)(DT)(DC)(DC)(DC)(DG)(DG)(DT)(DG)(DC)(DC)(DG)(DA)(DG)
(DG)(DC)(DC)(DG)(DC)(DT)(DC)(DA)(DA)(DT)(DT)(DG)(DG)(DT)(DC)(DG)(DT)(DA)(DG)(DA)
(DC)(DA)(DG)(DC)(DT)(DC)(DT)(DA)(DG)(DC)(DA)(DC)(DC)(DG)(DC)(DT)(DT)(DA)(DA)(DA)
(DC)(DG)(DC)(DA)(DC)(DG)(DT)(DA)(DC)(DG)(DC)(DG)(DC)(DT)(DG)(DT)(DC)(DC)(DC)(DC)
(DC)(DG)(DC)(DG)(DT)(DT)(DT)(DT)(DA)(DA)(DC)(DC)(DG)(DC)(DC)(DA)(DA)(DG)(DG)(DG)
(DG)(DA)(DT)(DT)(DA)(DC)(DT)(DC)(DC)(DC)(DT)(DA)(DG)(DT)(DC)(DT)(DC)(DC)(DA)(DG)
(DG)(DC)(DA)(DC)(DG)(DT)(DG)(DT)(DC)(DA)(DG)(DA)(DT)(DA)(DT)(DA)(DT)(DA)(DC)(DA)
(DT)(DC)(DG)(DA)(DT)
;
I
6 'polydeoxyribonucleotide'
;(DA)(DT)(DC)(DG)(DA)(DT)(DG)(DT)(DA)(DT)(DA)(DT)(DA)(DT)(DC)(DT)(DG)(DA)(DC)(DA)
(DC)(DG)(DT)(DG)(DC)(DC)(DT)(DG)(DG)(DA)(DG)(DA)(DC)(DT)(DA)(DG)(DG)(DG)(DA)(DG)
(DT)(DA)(DA)(DT)(DC)(DC)(DC)(DC)(DT)(DT)(DG)(DG)(DC)(DG)(DG)(DT)(DT)(DA)(DA)(DA)
(DA)(DC)(DG)(DC)(DG)(DG)(DG)(DG)(DG)(DA)(DC)(DA)(DG)(DC)(DG)(DC)(DG)(DT)(DA)(DC)
(DG)(DT)(DG)(DC)(DG)(DT)(DT)(DT)(DA)(DA)(DG)(DC)(DG)(DG)(DT)(DG)(DC)(DT)(DA)(DG)
(DA)(DG)(DC)(DT)(DG)(DT)(DC)(DT)(DA)(DC)(DG)(DA)(DC)(DC)(DA)(DA)(DT)(DT)(DG)(DA)
(DG)(DC)(DG)(DG)(DC)(DC)(DT)(DC)(DG)(DG)(DC)(DA)(DC)(DC)(DG)(DG)(DG)(DA)(DT)(DT)
(DC)(DT)(DG)(DA)(DT)
;
J
7 'polypeptide(L)' MQIFVKTLTGKTITLEVEPSDTIENVKAKIQDKEGIPPDQQRLIFAGKQLEDGRTLSDYNIQKESTLHLVLRLRG O
8 'polypeptide(L)' KAADISLDNLVEGKRKRR K
9 'polypeptide(L)'
;SFVGLRVVAKWSSNGYFYSGKITRDVGAGKYKLLFDDGYECDVLGKDILLCDPIPLDTEVTALSEDEYFSAGVVKGHRKE
SGELYYSIEKEGQRKWYKRMAVILSLEQGNRLREQYGL
;
N
#
# COMPACT_ATOMS: atom_id res chain seq x y z
N LYS A 2 54.36 14.07 24.73
CA LYS A 2 53.40 13.42 23.84
C LYS A 2 52.06 14.14 23.83
N PRO A 3 51.66 14.63 22.66
CA PRO A 3 50.36 15.30 22.55
C PRO A 3 49.21 14.31 22.69
N HIS A 4 48.04 14.86 23.00
CA HIS A 4 46.85 14.04 23.12
C HIS A 4 46.48 13.41 21.79
N ARG A 5 46.01 12.16 21.85
CA ARG A 5 45.68 11.40 20.65
C ARG A 5 44.45 10.56 20.94
N TYR A 6 43.33 10.91 20.33
CA TYR A 6 42.12 10.11 20.48
C TYR A 6 42.29 8.76 19.79
N ARG A 7 41.72 7.74 20.39
CA ARG A 7 41.83 6.41 19.80
C ARG A 7 41.07 6.35 18.48
N PRO A 8 41.57 5.58 17.51
CA PRO A 8 40.90 5.52 16.20
C PRO A 8 39.51 4.91 16.31
N GLY A 9 38.49 5.70 16.04
CA GLY A 9 37.13 5.22 16.11
C GLY A 9 36.23 6.07 16.98
N THR A 10 36.78 7.14 17.55
CA THR A 10 36.00 8.07 18.36
C THR A 10 35.72 9.39 17.68
N VAL A 11 36.68 9.92 16.91
CA VAL A 11 36.38 11.08 16.08
C VAL A 11 35.31 10.72 15.06
N ALA A 12 35.33 9.50 14.56
CA ALA A 12 34.28 9.05 13.65
C ALA A 12 32.91 9.10 14.32
N LEU A 13 32.81 8.62 15.56
CA LEU A 13 31.55 8.70 16.28
C LEU A 13 31.14 10.14 16.53
N ARG A 14 32.10 11.01 16.88
CA ARG A 14 31.79 12.41 17.06
C ARG A 14 31.22 13.01 15.78
N GLU A 15 31.83 12.69 14.64
CA GLU A 15 31.33 13.20 13.37
C GLU A 15 29.96 12.65 13.02
N ILE A 16 29.70 11.37 13.31
CA ILE A 16 28.36 10.83 13.07
C ILE A 16 27.33 11.57 13.90
N ARG A 17 27.61 11.75 15.19
CA ARG A 17 26.68 12.44 16.05
C ARG A 17 26.50 13.90 15.68
N ARG A 18 27.53 14.53 15.11
CA ARG A 18 27.43 15.91 14.67
C ARG A 18 26.66 16.06 13.37
N TYR A 19 26.87 15.16 12.41
CA TYR A 19 26.17 15.26 11.13
C TYR A 19 24.77 14.68 11.17
N GLN A 20 24.43 13.89 12.18
CA GLN A 20 23.05 13.45 12.33
C GLN A 20 22.18 14.48 13.02
N LYS A 21 22.75 15.56 13.52
CA LYS A 21 21.99 16.67 14.05
C LYS A 21 21.88 17.84 13.07
N SER A 22 22.85 17.95 12.17
CA SER A 22 22.87 19.04 11.21
C SER A 22 21.93 18.76 10.04
N THR A 23 21.61 19.82 9.30
CA THR A 23 20.76 19.71 8.12
C THR A 23 21.35 20.36 6.88
N GLU A 24 22.49 21.03 6.99
CA GLU A 24 23.08 21.68 5.84
C GLU A 24 23.61 20.66 4.85
N LEU A 25 23.73 21.08 3.59
CA LEU A 25 24.23 20.23 2.54
C LEU A 25 25.70 19.93 2.75
N LEU A 26 26.10 18.71 2.39
CA LEU A 26 27.42 18.21 2.77
C LEU A 26 28.45 18.30 1.66
N ILE A 27 28.04 18.34 0.41
CA ILE A 27 28.97 18.46 -0.70
C ILE A 27 28.95 19.89 -1.21
N ARG A 28 30.08 20.36 -1.70
CA ARG A 28 30.21 21.75 -2.11
C ARG A 28 29.33 22.02 -3.33
N LYS A 29 28.73 23.22 -3.34
CA LYS A 29 27.72 23.53 -4.35
C LYS A 29 28.33 23.71 -5.73
N LEU A 30 29.41 24.48 -5.83
CA LEU A 30 29.96 24.80 -7.14
C LEU A 30 30.45 23.58 -7.91
N PRO A 31 31.26 22.67 -7.36
CA PRO A 31 31.63 21.47 -8.11
C PRO A 31 30.46 20.58 -8.45
N PHE A 32 29.38 20.62 -7.67
CA PHE A 32 28.17 19.91 -8.01
C PHE A 32 27.44 20.53 -9.18
N GLN A 33 27.44 21.86 -9.28
CA GLN A 33 26.87 22.52 -10.44
C GLN A 33 27.60 22.14 -11.72
N ARG A 34 28.93 22.08 -11.67
CA ARG A 34 29.70 21.65 -12.84
C ARG A 34 29.31 20.23 -13.24
N LEU A 35 29.19 19.34 -12.25
CA LEU A 35 28.82 17.96 -12.55
C LEU A 35 27.44 17.89 -13.19
N VAL A 36 26.48 18.64 -12.65
CA VAL A 36 25.14 18.61 -13.20
C VAL A 36 25.14 19.13 -14.63
N ARG A 37 25.83 20.23 -14.89
CA ARG A 37 25.84 20.76 -16.25
C ARG A 37 26.56 19.84 -17.22
N GLU A 38 27.63 19.17 -16.78
CA GLU A 38 28.28 18.23 -17.68
C GLU A 38 27.42 16.99 -17.95
N ILE A 39 26.67 16.52 -16.95
CA ILE A 39 25.73 15.43 -17.22
C ILE A 39 24.65 15.88 -18.18
N ALA A 40 24.12 17.08 -18.01
CA ALA A 40 23.09 17.59 -18.91
C ALA A 40 23.62 17.92 -20.29
N GLN A 41 24.93 18.11 -20.44
CA GLN A 41 25.53 18.41 -21.72
C GLN A 41 25.27 17.34 -22.77
N ASP A 42 25.03 16.10 -22.34
CA ASP A 42 24.86 14.99 -23.27
C ASP A 42 23.48 14.92 -23.88
N PHE A 43 22.55 15.78 -23.46
CA PHE A 43 21.19 15.74 -23.97
C PHE A 43 20.87 16.92 -24.87
N LYS A 44 21.10 18.15 -24.42
CA LYS A 44 21.09 19.32 -25.27
C LYS A 44 22.25 20.23 -24.87
N THR A 45 22.70 21.04 -25.81
CA THR A 45 23.71 22.06 -25.56
C THR A 45 23.02 23.38 -25.24
N ASP A 46 23.73 24.23 -24.49
CA ASP A 46 23.22 25.54 -24.09
C ASP A 46 21.94 25.41 -23.26
N LEU A 47 21.99 24.55 -22.25
CA LEU A 47 20.89 24.38 -21.32
C LEU A 47 21.15 25.23 -20.08
N ARG A 48 20.16 26.02 -19.69
CA ARG A 48 20.26 26.84 -18.50
C ARG A 48 19.50 26.19 -17.34
N PHE A 49 19.98 26.46 -16.13
CA PHE A 49 19.43 25.85 -14.93
C PHE A 49 19.04 26.93 -13.93
N GLN A 50 17.83 26.83 -13.40
CA GLN A 50 17.46 27.66 -12.26
C GLN A 50 18.26 27.22 -11.04
N SER A 51 18.59 28.18 -10.18
CA SER A 51 19.32 27.85 -8.97
C SER A 51 18.54 26.89 -8.09
N SER A 52 17.23 27.11 -7.94
CA SER A 52 16.41 26.16 -7.20
C SER A 52 16.40 24.80 -7.88
N ALA A 53 16.48 24.76 -9.21
CA ALA A 53 16.53 23.49 -9.91
C ALA A 53 17.80 22.70 -9.60
N VAL A 54 18.88 23.39 -9.26
CA VAL A 54 20.11 22.70 -8.87
C VAL A 54 20.08 22.32 -7.40
N MET A 55 19.53 23.20 -6.57
CA MET A 55 19.37 22.85 -5.16
C MET A 55 18.48 21.63 -4.97
N ALA A 56 17.40 21.52 -5.74
CA ALA A 56 16.55 20.34 -5.66
C ALA A 56 17.29 19.08 -6.06
N LEU A 57 18.06 19.14 -7.15
CA LEU A 57 18.87 18.00 -7.55
C LEU A 57 19.87 17.59 -6.49
N GLN A 58 20.57 18.53 -5.89
CA GLN A 58 21.51 18.17 -4.83
C GLN A 58 20.76 17.57 -3.64
N GLU A 59 19.76 18.29 -3.13
CA GLU A 59 18.94 17.78 -2.04
C GLU A 59 18.42 16.37 -2.28
N ALA A 60 18.16 16.01 -3.53
CA ALA A 60 17.86 14.64 -3.87
C ALA A 60 19.09 13.73 -3.80
N CYS A 61 20.24 14.22 -4.23
CA CYS A 61 21.45 13.41 -4.23
C CYS A 61 21.90 13.01 -2.83
N GLU A 62 21.99 13.96 -1.89
CA GLU A 62 22.31 13.54 -0.52
C GLU A 62 21.23 12.62 0.04
N ALA A 63 19.96 12.90 -0.23
CA ALA A 63 18.91 12.02 0.27
C ALA A 63 19.06 10.60 -0.24
N TYR A 64 19.47 10.44 -1.49
CA TYR A 64 19.70 9.11 -2.05
C TYR A 64 20.92 8.43 -1.44
N LEU A 65 22.05 9.14 -1.36
CA LEU A 65 23.27 8.50 -0.90
C LEU A 65 23.21 8.15 0.58
N VAL A 66 22.56 9.00 1.39
CA VAL A 66 22.43 8.69 2.80
C VAL A 66 21.60 7.43 2.99
N GLY A 67 20.50 7.33 2.26
CA GLY A 67 19.71 6.12 2.31
C GLY A 67 20.47 4.89 1.86
N LEU A 68 21.31 5.04 0.83
CA LEU A 68 22.12 3.91 0.38
C LEU A 68 23.11 3.49 1.46
N PHE A 69 23.75 4.45 2.12
CA PHE A 69 24.73 4.11 3.13
C PHE A 69 24.10 3.50 4.37
N GLU A 70 22.90 3.93 4.76
CA GLU A 70 22.29 3.35 5.96
C GLU A 70 21.83 1.91 5.72
N ASP A 71 21.65 1.51 4.45
CA ASP A 71 21.51 0.10 4.13
C ASP A 71 22.85 -0.62 4.03
N THR A 72 23.87 0.08 3.52
CA THR A 72 25.19 -0.51 3.46
C THR A 72 25.71 -0.88 4.84
N ASN A 73 25.41 -0.08 5.85
CA ASN A 73 25.78 -0.46 7.22
C ASN A 73 25.11 -1.75 7.63
N LEU A 74 23.81 -1.89 7.35
CA LEU A 74 23.13 -3.13 7.71
C LEU A 74 23.78 -4.31 7.01
N CYS A 75 24.14 -4.14 5.74
CA CYS A 75 24.84 -5.20 5.03
C CYS A 75 26.18 -5.52 5.68
N ALA A 76 26.91 -4.50 6.10
CA ALA A 76 28.24 -4.71 6.67
C ALA A 76 28.18 -5.43 8.01
N ILE A 77 27.36 -4.95 8.94
CA ILE A 77 27.21 -5.68 10.20
C ILE A 77 26.61 -7.05 9.98
N HIS A 78 25.78 -7.23 8.95
CA HIS A 78 25.32 -8.58 8.64
C HIS A 78 26.49 -9.51 8.31
N ALA A 79 27.54 -8.98 7.70
CA ALA A 79 28.74 -9.75 7.43
C ALA A 79 29.70 -9.79 8.60
N LYS A 80 29.25 -9.35 9.78
CA LYS A 80 30.07 -9.29 10.99
C LYS A 80 31.34 -8.47 10.73
N ARG A 81 31.12 -7.24 10.25
CA ARG A 81 32.18 -6.30 9.99
C ARG A 81 31.73 -4.92 10.44
N VAL A 82 32.69 -3.99 10.53
CA VAL A 82 32.40 -2.58 10.74
C VAL A 82 32.80 -1.73 9.54
N THR A 83 33.80 -2.17 8.79
CA THR A 83 34.14 -1.51 7.55
C THR A 83 33.07 -1.81 6.49
N ILE A 84 32.79 -0.83 5.65
CA ILE A 84 31.91 -1.02 4.50
C ILE A 84 32.77 -1.14 3.26
N MET A 85 32.36 -2.00 2.35
CA MET A 85 33.10 -2.32 1.15
C MET A 85 32.19 -2.18 -0.05
N PRO A 86 32.75 -2.00 -1.26
CA PRO A 86 31.89 -1.85 -2.44
C PRO A 86 30.92 -3.00 -2.63
N LYS A 87 31.34 -4.24 -2.38
CA LYS A 87 30.43 -5.37 -2.51
C LYS A 87 29.16 -5.15 -1.70
N ASP A 88 29.26 -4.54 -0.53
CA ASP A 88 28.07 -4.11 0.20
C ASP A 88 27.25 -3.14 -0.63
N ILE A 89 27.90 -2.22 -1.36
CA ILE A 89 27.15 -1.25 -2.13
C ILE A 89 26.33 -1.93 -3.23
N GLN A 90 26.96 -2.80 -4.04
CA GLN A 90 26.13 -3.38 -5.09
C GLN A 90 25.23 -4.49 -4.57
N LEU A 91 25.46 -5.01 -3.36
CA LEU A 91 24.46 -5.91 -2.80
C LEU A 91 23.23 -5.15 -2.32
N ALA A 92 23.42 -4.03 -1.64
CA ALA A 92 22.30 -3.19 -1.27
C ALA A 92 21.56 -2.66 -2.48
N ARG A 93 22.29 -2.35 -3.56
CA ARG A 93 21.62 -1.96 -4.79
C ARG A 93 20.94 -3.13 -5.48
N ARG A 94 21.53 -4.32 -5.41
CA ARG A 94 20.90 -5.49 -6.01
C ARG A 94 19.57 -5.79 -5.33
N ILE A 95 19.54 -5.74 -4.00
CA ILE A 95 18.32 -6.09 -3.28
C ILE A 95 17.23 -5.06 -3.54
N ARG A 96 17.59 -3.78 -3.59
CA ARG A 96 16.60 -2.75 -3.88
C ARG A 96 16.00 -2.96 -5.27
N GLY A 97 16.82 -3.32 -6.25
CA GLY A 97 16.35 -3.52 -7.59
C GLY A 97 16.79 -2.44 -8.55
N GLU A 98 17.71 -1.58 -8.09
CA GLU A 98 18.20 -0.49 -8.92
C GLU A 98 19.07 -0.98 -10.07
N ARG A 99 19.60 -2.20 -9.99
CA ARG A 99 20.39 -2.74 -11.09
C ARG A 99 19.80 -4.06 -11.59
N ALA A 100 19.33 -4.90 -10.67
CA ALA A 100 18.72 -6.17 -11.04
C ALA A 100 17.86 -6.70 -9.90
N VAL B 2 34.79 22.76 -20.92
CA VAL B 2 33.74 22.17 -20.11
C VAL B 2 33.78 20.65 -20.22
N LEU B 3 34.91 20.13 -20.69
CA LEU B 3 35.06 18.69 -20.87
C LEU B 3 35.86 18.08 -19.74
N ARG B 4 36.06 18.83 -18.66
CA ARG B 4 36.75 18.33 -17.48
C ARG B 4 35.89 17.26 -16.80
N ASP B 5 36.54 16.39 -16.04
CA ASP B 5 35.84 15.31 -15.37
C ASP B 5 34.81 15.83 -14.39
N ASN B 6 35.27 16.54 -13.35
CA ASN B 6 34.39 17.10 -12.33
C ASN B 6 33.59 16.04 -11.59
N ILE B 7 33.80 14.77 -11.93
CA ILE B 7 33.27 13.70 -11.09
C ILE B 7 34.19 13.47 -9.89
N GLN B 8 35.42 13.95 -9.98
CA GLN B 8 36.25 14.11 -8.79
C GLN B 8 35.86 15.35 -8.00
N GLY B 9 34.96 16.17 -8.55
CA GLY B 9 34.42 17.27 -7.77
C GLY B 9 33.67 16.83 -6.53
N ILE B 10 33.20 15.59 -6.52
CA ILE B 10 32.64 14.98 -5.31
C ILE B 10 33.83 14.41 -4.55
N THR B 11 34.45 15.24 -3.73
CA THR B 11 35.74 14.93 -3.13
C THR B 11 35.61 13.88 -2.02
N LYS B 12 36.73 13.27 -1.69
CA LYS B 12 36.74 12.21 -0.69
C LYS B 12 36.12 12.61 0.65
N PRO B 13 36.45 13.75 1.26
CA PRO B 13 35.75 14.13 2.49
C PRO B 13 34.26 14.35 2.30
N ALA B 14 33.79 14.65 1.09
CA ALA B 14 32.37 14.77 0.87
C ALA B 14 31.66 13.42 1.02
N ILE B 15 32.20 12.37 0.39
CA ILE B 15 31.65 11.04 0.62
C ILE B 15 31.81 10.65 2.07
N ARG B 16 32.92 11.04 2.70
CA ARG B 16 33.10 10.76 4.11
C ARG B 16 31.97 11.36 4.94
N ARG B 17 31.65 12.63 4.74
CA ARG B 17 30.56 13.26 5.47
C ARG B 17 29.23 12.60 5.17
N LEU B 18 28.98 12.28 3.90
CA LEU B 18 27.72 11.65 3.54
C LEU B 18 27.55 10.30 4.23
N ALA B 19 28.60 9.49 4.25
CA ALA B 19 28.53 8.21 4.93
C ALA B 19 28.37 8.39 6.43
N ARG B 20 29.10 9.33 7.03
CA ARG B 20 28.99 9.54 8.45
C ARG B 20 27.63 10.08 8.86
N ARG B 21 26.92 10.74 7.96
CA ARG B 21 25.52 11.04 8.23
C ARG B 21 24.68 9.76 8.31
N GLY B 22 24.97 8.80 7.43
CA GLY B 22 24.25 7.54 7.44
C GLY B 22 24.63 6.61 8.56
N GLY B 23 25.66 6.94 9.34
CA GLY B 23 26.05 6.13 10.46
C GLY B 23 27.09 5.09 10.11
N VAL B 24 28.17 5.51 9.47
CA VAL B 24 29.25 4.62 9.04
C VAL B 24 30.47 4.93 9.88
N LYS B 25 30.99 3.93 10.58
CA LYS B 25 32.20 4.14 11.38
C LYS B 25 33.45 4.12 10.50
N ARG B 26 33.73 2.99 9.87
CA ARG B 26 34.99 2.76 9.18
C ARG B 26 34.71 2.51 7.72
N ILE B 27 35.40 3.24 6.84
CA ILE B 27 35.14 3.23 5.41
C ILE B 27 36.38 2.68 4.71
N SER B 28 36.18 1.69 3.85
CA SER B 28 37.28 1.19 3.05
C SER B 28 37.65 2.21 1.98
N GLY B 29 38.91 2.16 1.57
CA GLY B 29 39.40 3.13 0.59
C GLY B 29 38.87 2.92 -0.80
N LEU B 30 38.20 1.79 -1.04
CA LEU B 30 37.70 1.44 -2.36
C LEU B 30 36.30 1.97 -2.63
N ILE B 31 35.69 2.63 -1.64
CA ILE B 31 34.31 3.08 -1.82
C ILE B 31 34.22 4.20 -2.85
N TYR B 32 35.15 5.15 -2.79
CA TYR B 32 34.99 6.41 -3.51
C TYR B 32 34.93 6.24 -5.02
N GLU B 33 35.43 5.14 -5.57
CA GLU B 33 35.44 4.99 -7.01
C GLU B 33 34.12 4.50 -7.58
N GLU B 34 33.21 3.95 -6.77
CA GLU B 34 31.89 3.61 -7.28
C GLU B 34 30.77 4.31 -6.54
N THR B 35 31.02 4.90 -5.38
CA THR B 35 30.03 5.81 -4.86
C THR B 35 29.87 7.03 -5.76
N ARG B 36 30.89 7.37 -6.54
CA ARG B 36 30.73 8.39 -7.58
C ARG B 36 29.94 7.84 -8.75
N GLY B 37 30.17 6.57 -9.12
CA GLY B 37 29.44 5.99 -10.23
C GLY B 37 27.95 5.84 -9.97
N VAL B 38 27.58 5.40 -8.77
CA VAL B 38 26.17 5.28 -8.42
C VAL B 38 25.49 6.65 -8.48
N LEU B 39 26.15 7.65 -7.89
CA LEU B 39 25.65 9.01 -7.95
C LEU B 39 25.50 9.48 -9.38
N LYS B 40 26.52 9.24 -10.22
CA LYS B 40 26.43 9.62 -11.62
C LYS B 40 25.19 9.00 -12.25
N VAL B 41 25.02 7.69 -12.10
CA VAL B 41 23.88 6.99 -12.71
C VAL B 41 22.57 7.63 -12.28
N PHE B 42 22.44 7.93 -10.99
CA PHE B 42 21.26 8.64 -10.51
C PHE B 42 21.08 9.95 -11.28
N LEU B 43 22.17 10.66 -11.52
CA LEU B 43 22.06 11.91 -12.27
C LEU B 43 21.64 11.69 -13.73
N GLU B 44 22.28 10.79 -14.48
CA GLU B 44 21.82 10.72 -15.88
C GLU B 44 20.45 10.07 -15.97
N ASN B 45 19.90 9.55 -14.87
CA ASN B 45 18.47 9.28 -14.88
C ASN B 45 17.64 10.53 -14.66
N VAL B 46 17.93 11.29 -13.61
CA VAL B 46 17.09 12.43 -13.27
C VAL B 46 17.15 13.52 -14.32
N ILE B 47 18.36 13.88 -14.79
CA ILE B 47 18.45 14.88 -15.84
C ILE B 47 17.86 14.35 -17.14
N ARG B 48 18.00 13.06 -17.43
CA ARG B 48 17.36 12.54 -18.64
C ARG B 48 15.87 12.77 -18.60
N ASP B 49 15.25 12.62 -17.42
CA ASP B 49 13.83 12.92 -17.32
C ASP B 49 13.54 14.42 -17.38
N ALA B 50 14.31 15.24 -16.65
CA ALA B 50 14.01 16.66 -16.58
C ALA B 50 14.21 17.35 -17.93
N VAL B 51 15.24 16.94 -18.66
CA VAL B 51 15.49 17.54 -19.96
C VAL B 51 14.34 17.24 -20.91
N THR B 52 13.83 16.01 -20.90
CA THR B 52 12.66 15.69 -21.70
C THR B 52 11.43 16.50 -21.29
N TYR B 53 11.25 16.72 -19.98
CA TYR B 53 10.16 17.58 -19.56
C TYR B 53 10.30 18.98 -20.13
N THR B 54 11.50 19.56 -20.07
CA THR B 54 11.76 20.84 -20.70
C THR B 54 11.56 20.82 -22.20
N GLU B 55 11.92 19.69 -22.85
CA GLU B 55 11.67 19.55 -24.27
C GLU B 55 10.19 19.71 -24.57
N HIS B 56 9.36 18.97 -23.83
CA HIS B 56 7.92 19.05 -24.06
C HIS B 56 7.39 20.43 -23.71
N ALA B 57 8.06 21.14 -22.81
CA ALA B 57 7.63 22.48 -22.42
C ALA B 57 8.09 23.55 -23.41
N LYS B 58 8.77 23.17 -24.49
CA LYS B 58 9.31 24.13 -25.47
C LYS B 58 10.26 25.12 -24.81
N ARG B 59 10.92 24.71 -23.73
CA ARG B 59 11.73 25.60 -22.94
C ARG B 59 13.21 25.42 -23.28
N LYS B 60 14.02 26.34 -22.78
CA LYS B 60 15.47 26.22 -22.87
C LYS B 60 16.14 26.16 -21.50
N THR B 61 15.45 26.55 -20.44
CA THR B 61 15.96 26.46 -19.08
C THR B 61 15.26 25.32 -18.35
N VAL B 62 15.94 24.78 -17.35
CA VAL B 62 15.43 23.67 -16.55
C VAL B 62 14.94 24.25 -15.23
N THR B 63 13.64 24.13 -14.99
CA THR B 63 13.05 24.67 -13.77
C THR B 63 13.07 23.61 -12.67
N ALA B 64 12.87 24.07 -11.43
CA ALA B 64 12.83 23.16 -10.30
C ALA B 64 11.63 22.22 -10.38
N MET B 65 10.52 22.69 -10.93
CA MET B 65 9.38 21.80 -11.14
C MET B 65 9.75 20.67 -12.08
N ASP B 66 10.55 20.95 -13.10
CA ASP B 66 10.95 19.91 -14.04
C ASP B 66 11.79 18.84 -13.38
N VAL B 67 12.39 19.12 -12.23
CA VAL B 67 13.14 18.12 -11.48
C VAL B 67 12.25 17.43 -10.46
N VAL B 68 11.35 18.19 -9.84
CA VAL B 68 10.42 17.59 -8.87
C VAL B 68 9.55 16.56 -9.55
N TYR B 69 9.01 16.88 -10.73
CA TYR B 69 8.18 15.89 -11.42
C TYR B 69 9.01 14.73 -11.95
N ALA B 70 10.28 14.98 -12.30
CA ALA B 70 11.16 13.88 -12.67
C ALA B 70 11.39 12.90 -11.54
N LEU B 71 11.57 13.39 -10.31
CA LEU B 71 11.67 12.52 -9.15
C LEU B 71 10.35 11.87 -8.75
N LYS B 72 9.22 12.54 -9.00
CA LYS B 72 7.93 11.92 -8.74
C LYS B 72 7.75 10.66 -9.56
N ARG B 73 8.18 10.67 -10.82
CA ARG B 73 8.06 9.49 -11.66
C ARG B 73 8.95 8.36 -11.17
N GLN B 74 10.01 8.69 -10.41
CA GLN B 74 10.90 7.69 -9.86
C GLN B 74 10.53 7.27 -8.45
N GLY B 75 9.44 7.80 -7.90
CA GLY B 75 9.06 7.45 -6.54
C GLY B 75 9.94 8.05 -5.48
N ARG B 76 10.60 9.18 -5.76
CA ARG B 76 11.51 9.84 -4.85
C ARG B 76 11.12 11.30 -4.68
N THR B 77 9.84 11.53 -4.40
CA THR B 77 9.28 12.88 -4.39
C THR B 77 9.99 13.79 -3.40
N LEU B 78 10.33 14.99 -3.84
CA LEU B 78 10.82 16.02 -2.93
C LEU B 78 9.65 16.82 -2.36
N TYR B 79 9.95 17.51 -1.26
CA TYR B 79 8.98 18.34 -0.56
C TYR B 79 9.62 19.68 -0.28
N GLY B 80 8.97 20.75 -0.73
CA GLY B 80 9.50 22.08 -0.49
C GLY B 80 9.64 22.90 -1.75
N PHE B 81 10.01 22.25 -2.85
CA PHE B 81 10.14 22.96 -4.12
C PHE B 81 8.87 22.91 -4.94
N GLY B 82 7.98 21.98 -4.64
CA GLY B 82 6.73 21.84 -5.37
C GLY B 82 5.73 22.93 -5.03
N ALA C 1 -24.00 9.19 -49.30
CA ALA C 1 -23.12 9.10 -50.46
C ALA C 1 -21.68 8.87 -50.02
N ARG C 2 -21.52 8.18 -48.88
CA ARG C 2 -20.18 7.87 -48.39
C ARG C 2 -19.43 7.00 -49.39
N ALA C 3 -20.09 5.95 -49.89
CA ALA C 3 -19.61 5.09 -50.97
C ALA C 3 -18.38 4.28 -50.57
N LYS C 4 -17.86 4.51 -49.37
CA LYS C 4 -16.69 3.79 -48.88
C LYS C 4 -16.46 4.18 -47.43
N ALA C 5 -16.07 3.21 -46.62
CA ALA C 5 -15.73 3.44 -45.20
C ALA C 5 -14.42 2.70 -44.93
N CYS C 6 -13.30 3.39 -45.16
CA CYS C 6 -11.99 2.81 -44.92
C CYS C 6 -11.66 2.91 -43.43
N THR C 7 -11.34 1.78 -42.82
CA THR C 7 -11.02 1.77 -41.40
C THR C 7 -9.75 2.57 -41.14
N ARG C 8 -9.76 3.32 -40.05
CA ARG C 8 -8.64 4.20 -39.72
C ARG C 8 -7.35 3.43 -39.48
N SER C 9 -7.46 2.20 -38.96
CA SER C 9 -6.26 1.40 -38.74
C SER C 9 -5.57 1.08 -40.06
N SER C 10 -6.34 0.83 -41.12
CA SER C 10 -5.75 0.64 -42.44
C SER C 10 -5.08 1.90 -42.95
N ARG C 11 -5.69 3.06 -42.71
CA ARG C 11 -5.06 4.32 -43.09
C ARG C 11 -3.72 4.49 -42.38
N ALA C 12 -3.65 4.12 -41.11
CA ALA C 12 -2.40 4.19 -40.37
C ALA C 12 -1.52 2.97 -40.59
N GLY C 13 -1.99 1.96 -41.33
CA GLY C 13 -1.21 0.77 -41.54
C GLY C 13 -0.92 -0.03 -40.29
N LEU C 14 -1.90 -0.16 -39.40
CA LEU C 14 -1.72 -0.85 -38.14
C LEU C 14 -2.79 -1.94 -37.98
N GLN C 15 -2.53 -2.87 -37.07
CA GLN C 15 -3.47 -3.94 -36.78
C GLN C 15 -4.13 -3.78 -35.41
N PHE C 16 -3.93 -2.64 -34.74
CA PHE C 16 -4.69 -2.36 -33.53
C PHE C 16 -5.80 -1.34 -33.79
N PRO C 17 -6.87 -1.39 -33.03
CA PRO C 17 -8.04 -0.56 -33.33
C PRO C 17 -7.86 0.88 -32.90
N VAL C 18 -7.28 1.71 -33.77
CA VAL C 18 -7.13 3.12 -33.46
C VAL C 18 -8.49 3.75 -33.20
N GLY C 19 -9.55 3.19 -33.79
CA GLY C 19 -10.88 3.65 -33.46
C GLY C 19 -11.23 3.43 -31.99
N ARG C 20 -10.82 2.29 -31.45
CA ARG C 20 -11.06 2.03 -30.02
C ARG C 20 -10.29 3.02 -29.16
N VAL C 21 -9.09 3.41 -29.60
CA VAL C 21 -8.25 4.24 -28.75
C VAL C 21 -8.89 5.61 -28.50
N HIS C 22 -9.60 6.16 -29.48
CA HIS C 22 -10.43 7.32 -29.20
C HIS C 22 -11.37 7.04 -28.03
N ARG C 23 -12.12 5.95 -28.11
CA ARG C 23 -13.11 5.67 -27.08
C ARG C 23 -12.44 5.48 -25.72
N LEU C 24 -11.32 4.75 -25.69
CA LEU C 24 -10.63 4.55 -24.42
C LEU C 24 -10.01 5.83 -23.90
N LEU C 25 -9.46 6.66 -24.79
CA LEU C 25 -8.88 7.93 -24.34
C LEU C 25 -9.94 8.92 -23.90
N ARG C 26 -11.02 9.05 -24.67
CA ARG C 26 -12.05 10.03 -24.30
C ARG C 26 -12.80 9.62 -23.05
N LYS C 27 -13.11 8.34 -22.90
CA LYS C 27 -13.84 7.86 -21.74
C LYS C 27 -12.91 7.54 -20.57
N GLY C 28 -11.61 7.69 -20.75
CA GLY C 28 -10.65 7.41 -19.71
C GLY C 28 -10.29 8.58 -18.82
N HIS C 29 -10.88 9.75 -19.04
CA HIS C 29 -10.67 10.93 -18.20
C HIS C 29 -9.19 11.30 -18.13
N TYR C 30 -8.65 11.68 -19.28
CA TYR C 30 -7.30 12.22 -19.36
C TYR C 30 -7.27 13.68 -19.78
N SER C 31 -8.21 14.11 -20.63
CA SER C 31 -8.38 15.51 -20.96
C SER C 31 -9.73 15.67 -21.64
N GLU C 32 -10.22 16.92 -21.66
CA GLU C 32 -11.49 17.19 -22.33
C GLU C 32 -11.37 16.92 -23.82
N ARG C 33 -10.26 17.33 -24.42
CA ARG C 33 -10.04 17.15 -25.84
C ARG C 33 -8.85 16.22 -26.07
N VAL C 34 -8.95 15.41 -27.11
CA VAL C 34 -7.89 14.49 -27.50
C VAL C 34 -7.57 14.73 -28.97
N GLY C 35 -6.28 14.75 -29.29
CA GLY C 35 -5.85 15.05 -30.64
C GLY C 35 -6.20 13.95 -31.61
N ALA C 36 -6.14 14.31 -32.90
CA ALA C 36 -6.47 13.34 -33.94
C ALA C 36 -5.41 12.24 -34.02
N GLY C 37 -4.14 12.62 -33.98
CA GLY C 37 -3.06 11.67 -34.12
C GLY C 37 -2.63 10.96 -32.87
N ALA C 38 -3.13 11.35 -31.70
CA ALA C 38 -2.77 10.72 -30.45
C ALA C 38 -3.13 9.23 -30.42
N PRO C 39 -4.37 8.84 -30.77
CA PRO C 39 -4.67 7.42 -30.85
C PRO C 39 -3.84 6.67 -31.88
N VAL C 40 -3.53 7.32 -33.01
CA VAL C 40 -2.66 6.67 -33.99
C VAL C 40 -1.30 6.38 -33.38
N TYR C 41 -0.75 7.35 -32.64
CA TYR C 41 0.55 7.14 -32.01
C TYR C 41 0.49 6.02 -30.98
N LEU C 42 -0.55 6.00 -30.14
CA LEU C 42 -0.66 4.92 -29.16
C LEU C 42 -0.79 3.57 -29.83
N ALA C 43 -1.61 3.48 -30.88
CA ALA C 43 -1.75 2.22 -31.58
C ALA C 43 -0.44 1.76 -32.17
N ALA C 44 0.31 2.67 -32.79
CA ALA C 44 1.60 2.31 -33.34
C ALA C 44 2.57 1.84 -32.26
N VAL C 45 2.61 2.53 -31.13
CA VAL C 45 3.52 2.14 -30.06
C VAL C 45 3.15 0.77 -29.52
N LEU C 46 1.85 0.53 -29.31
CA LEU C 46 1.40 -0.76 -28.82
C LEU C 46 1.68 -1.88 -29.83
N GLU C 47 1.66 -1.57 -31.13
CA GLU C 47 2.04 -2.56 -32.13
C GLU C 47 3.47 -3.05 -31.88
N TYR C 48 4.40 -2.11 -31.76
CA TYR C 48 5.81 -2.48 -31.59
C TYR C 48 6.04 -3.17 -30.25
N LEU C 49 5.38 -2.69 -29.20
CA LEU C 49 5.61 -3.28 -27.88
C LEU C 49 5.19 -4.73 -27.83
N THR C 50 4.03 -5.07 -28.40
CA THR C 50 3.65 -6.46 -28.46
C THR C 50 4.43 -7.22 -29.52
N ALA C 51 4.91 -6.53 -30.55
CA ALA C 51 5.67 -7.20 -31.60
C ALA C 51 6.97 -7.77 -31.07
N GLU C 52 7.70 -7.02 -30.24
CA GLU C 52 8.90 -7.58 -29.65
C GLU C 52 8.61 -8.77 -28.74
N ILE C 53 7.56 -8.68 -27.92
CA ILE C 53 7.26 -9.78 -27.02
C ILE C 53 6.90 -11.03 -27.79
N LEU C 54 6.10 -10.88 -28.85
CA LEU C 54 5.76 -12.03 -29.68
C LEU C 54 6.95 -12.55 -30.48
N GLU C 55 7.84 -11.66 -30.93
CA GLU C 55 9.07 -12.10 -31.58
C GLU C 55 9.91 -12.96 -30.66
N LEU C 56 10.08 -12.54 -29.42
CA LEU C 56 10.91 -13.28 -28.48
C LEU C 56 10.23 -14.53 -27.97
N ALA C 57 8.90 -14.51 -27.82
CA ALA C 57 8.18 -15.68 -27.35
C ALA C 57 8.23 -16.83 -28.35
N GLY C 58 8.12 -16.52 -29.64
CA GLY C 58 8.25 -17.57 -30.63
C GLY C 58 9.61 -18.26 -30.59
N ASN C 59 10.67 -17.47 -30.45
CA ASN C 59 12.00 -18.05 -30.32
C ASN C 59 12.12 -18.87 -29.04
N ALA C 60 11.61 -18.35 -27.92
CA ALA C 60 11.66 -19.09 -26.68
C ALA C 60 10.78 -20.33 -26.70
N ALA C 61 9.85 -20.42 -27.65
CA ALA C 61 9.02 -21.61 -27.77
C ALA C 61 9.63 -22.62 -28.74
N ARG C 62 10.35 -22.15 -29.75
CA ARG C 62 10.93 -23.09 -30.72
C ARG C 62 11.94 -24.02 -30.08
N ASP C 63 12.76 -23.52 -29.16
CA ASP C 63 13.75 -24.38 -28.53
C ASP C 63 13.08 -25.43 -27.64
N ASN C 64 11.85 -25.18 -27.22
CA ASN C 64 11.07 -26.16 -26.47
C ASN C 64 10.24 -27.05 -27.37
N LYS C 65 10.39 -26.90 -28.69
CA LYS C 65 9.74 -27.77 -29.67
C LYS C 65 8.22 -27.72 -29.54
N LYS C 66 7.68 -26.54 -29.25
CA LYS C 66 6.25 -26.33 -29.13
C LYS C 66 5.83 -25.14 -29.98
N THR C 67 4.71 -25.30 -30.68
CA THR C 67 4.18 -24.24 -31.54
C THR C 67 3.15 -23.38 -30.85
N ARG C 68 2.83 -23.66 -29.59
CA ARG C 68 1.89 -22.86 -28.82
C ARG C 68 2.63 -22.12 -27.71
N ILE C 69 2.29 -20.85 -27.54
CA ILE C 69 3.01 -20.00 -26.61
C ILE C 69 2.43 -20.23 -25.20
N ILE C 70 3.20 -20.90 -24.36
CA ILE C 70 2.90 -21.10 -22.96
C ILE C 70 3.34 -19.83 -22.21
N PRO C 71 2.70 -19.44 -21.12
CA PRO C 71 3.20 -18.29 -20.35
C PRO C 71 4.64 -18.45 -19.91
N ARG C 72 5.11 -19.68 -19.72
CA ARG C 72 6.52 -19.89 -19.44
C ARG C 72 7.39 -19.29 -20.52
N HIS C 73 7.00 -19.47 -21.79
CA HIS C 73 7.74 -18.83 -22.88
C HIS C 73 7.68 -17.32 -22.80
N LEU C 74 6.54 -16.75 -22.45
CA LEU C 74 6.46 -15.31 -22.31
C LEU C 74 7.40 -14.78 -21.24
N GLN C 75 7.44 -15.43 -20.08
CA GLN C 75 8.35 -14.95 -19.04
C GLN C 75 9.80 -15.19 -19.40
N LEU C 76 10.14 -16.31 -20.04
CA LEU C 76 11.51 -16.50 -20.50
C LEU C 76 11.90 -15.41 -21.49
N ALA C 77 11.02 -15.06 -22.41
CA ALA C 77 11.29 -13.99 -23.36
C ALA C 77 11.48 -12.64 -22.68
N ILE C 78 10.64 -12.34 -21.69
CA ILE C 78 10.75 -11.04 -21.01
C ILE C 78 12.01 -10.96 -20.17
N ARG C 79 12.29 -12.01 -19.39
CA ARG C 79 13.34 -11.95 -18.38
C ARG C 79 14.73 -12.19 -18.94
N ASN C 80 14.86 -12.63 -20.20
CA ASN C 80 16.16 -12.71 -20.82
C ASN C 80 16.55 -11.44 -21.57
N ASP C 81 15.62 -10.52 -21.80
CA ASP C 81 15.97 -9.21 -22.31
C ASP C 81 16.18 -8.24 -21.15
N GLU C 82 17.18 -7.37 -21.30
CA GLU C 82 17.50 -6.37 -20.29
C GLU C 82 16.63 -5.13 -20.41
N GLU C 83 15.78 -5.05 -21.43
CA GLU C 83 14.94 -3.89 -21.66
C GLU C 83 13.50 -4.12 -21.22
N LEU C 84 12.92 -5.26 -21.61
CA LEU C 84 11.63 -5.65 -21.07
C LEU C 84 11.69 -5.89 -19.57
N ASN C 85 12.87 -6.19 -19.02
CA ASN C 85 13.01 -6.24 -17.57
C ASN C 85 12.75 -4.88 -16.94
N LYS C 86 13.36 -3.83 -17.48
CA LYS C 86 13.07 -2.48 -17.00
C LYS C 86 11.63 -2.09 -17.22
N LEU C 87 11.03 -2.53 -18.33
CA LEU C 87 9.59 -2.29 -18.54
C LEU C 87 8.75 -2.97 -17.47
N LEU C 88 9.06 -4.21 -17.16
CA LEU C 88 8.21 -5.06 -16.34
C LEU C 88 8.94 -5.57 -15.10
N GLY C 89 9.64 -4.68 -14.41
CA GLY C 89 10.35 -5.08 -13.21
C GLY C 89 9.43 -5.52 -12.09
N GLY C 90 8.29 -4.86 -11.95
CA GLY C 90 7.32 -5.17 -10.92
C GLY C 90 6.17 -6.03 -11.36
N VAL C 91 6.28 -6.70 -12.51
CA VAL C 91 5.19 -7.47 -13.09
C VAL C 91 5.45 -8.95 -12.87
N THR C 92 4.46 -9.63 -12.29
CA THR C 92 4.52 -11.08 -12.11
C THR C 92 3.52 -11.75 -13.05
N ILE C 93 3.97 -12.79 -13.74
CA ILE C 93 3.21 -13.42 -14.80
C ILE C 93 2.60 -14.71 -14.27
N ALA C 94 1.31 -14.90 -14.54
CA ALA C 94 0.64 -16.13 -14.14
C ALA C 94 1.27 -17.32 -14.85
N GLN C 95 1.51 -18.40 -14.09
CA GLN C 95 2.12 -19.62 -14.62
C GLN C 95 3.45 -19.32 -15.31
N GLY C 96 4.26 -18.46 -14.70
CA GLY C 96 5.48 -18.03 -15.34
C GLY C 96 6.70 -18.84 -14.97
N GLY C 97 6.85 -19.18 -13.70
CA GLY C 97 8.06 -19.84 -13.26
C GLY C 97 9.15 -18.86 -12.89
N VAL C 98 10.38 -19.37 -12.90
CA VAL C 98 11.56 -18.59 -12.54
C VAL C 98 12.65 -18.89 -13.56
N LEU C 99 13.45 -17.89 -13.90
CA LEU C 99 14.61 -18.12 -14.73
C LEU C 99 15.56 -19.10 -14.04
N PRO C 100 16.05 -20.10 -14.75
CA PRO C 100 16.98 -21.05 -14.13
C PRO C 100 18.33 -20.43 -13.86
N ASN C 101 18.71 -20.33 -12.58
CA ASN C 101 20.02 -19.79 -12.21
C ASN C 101 20.47 -20.38 -10.89
N ILE C 102 21.69 -20.90 -10.86
CA ILE C 102 22.35 -21.36 -9.65
C ILE C 102 23.67 -20.63 -9.54
N GLN C 103 23.91 -19.99 -8.41
CA GLN C 103 25.13 -19.21 -8.24
C GLN C 103 26.34 -20.13 -8.15
N ALA C 104 27.50 -19.58 -8.50
CA ALA C 104 28.72 -20.38 -8.60
C ALA C 104 29.11 -20.97 -7.25
N VAL C 105 28.86 -20.25 -6.16
CA VAL C 105 29.22 -20.76 -4.84
C VAL C 105 28.42 -22.02 -4.52
N LEU C 106 27.14 -22.03 -4.85
CA LEU C 106 26.30 -23.18 -4.56
C LEU C 106 26.62 -24.39 -5.44
N LEU C 107 27.35 -24.20 -6.54
CA LEU C 107 27.76 -25.32 -7.37
C LEU C 107 28.71 -26.22 -6.60
N PRO C 108 28.69 -27.53 -6.87
CA PRO C 108 29.57 -28.42 -6.13
C PRO C 108 31.02 -28.26 -6.57
N LYS C 109 31.93 -28.37 -5.60
CA LYS C 109 33.34 -28.01 -5.80
C LYS C 109 34.20 -29.23 -5.50
N LYS C 110 34.43 -30.05 -6.51
CA LYS C 110 35.41 -31.13 -6.39
C LYS C 110 36.81 -30.58 -6.59
N THR C 111 37.09 -30.04 -7.77
CA THR C 111 38.32 -29.32 -8.08
C THR C 111 39.56 -30.13 -7.69
N GLU C 112 39.71 -31.29 -8.34
CA GLU C 112 40.88 -32.12 -8.13
C GLU C 112 42.10 -31.53 -8.82
N ARG D 1 -30.42 -14.33 -20.28
CA ARG D 1 -30.78 -13.05 -20.88
C ARG D 1 -29.72 -12.60 -21.87
N LYS D 2 -29.77 -11.32 -22.25
CA LYS D 2 -28.80 -10.77 -23.18
C LYS D 2 -27.45 -10.58 -22.50
N ARG D 3 -26.39 -11.07 -23.12
CA ARG D 3 -25.05 -10.96 -22.57
C ARG D 3 -24.37 -9.70 -23.08
N SER D 4 -23.56 -9.09 -22.21
CA SER D 4 -22.81 -7.90 -22.55
C SER D 4 -21.53 -8.28 -23.28
N ARG D 5 -21.13 -7.43 -24.22
CA ARG D 5 -19.90 -7.67 -24.98
C ARG D 5 -18.69 -7.28 -24.14
N LYS D 6 -17.71 -8.18 -24.06
CA LYS D 6 -16.46 -7.90 -23.36
C LYS D 6 -15.38 -7.65 -24.41
N GLU D 7 -15.13 -6.37 -24.69
CA GLU D 7 -14.14 -6.01 -25.70
C GLU D 7 -12.73 -6.27 -25.20
N SER D 8 -11.92 -6.89 -26.04
CA SER D 8 -10.55 -7.23 -25.70
C SER D 8 -9.67 -7.06 -26.92
N TYR D 9 -8.39 -7.35 -26.75
CA TYR D 9 -7.42 -7.29 -27.83
C TYR D 9 -7.10 -8.65 -28.41
N SER D 10 -8.00 -9.63 -28.24
CA SER D 10 -7.70 -10.98 -28.67
C SER D 10 -7.54 -11.08 -30.18
N VAL D 11 -8.44 -10.44 -30.93
CA VAL D 11 -8.36 -10.54 -32.39
C VAL D 11 -7.09 -9.89 -32.91
N TYR D 12 -6.73 -8.73 -32.39
CA TYR D 12 -5.63 -7.97 -32.95
C TYR D 12 -4.28 -8.62 -32.68
N VAL D 13 -4.12 -9.28 -31.54
CA VAL D 13 -2.85 -9.92 -31.25
C VAL D 13 -2.58 -11.07 -32.21
N TYR D 14 -3.62 -11.81 -32.62
CA TYR D 14 -3.41 -12.84 -33.63
C TYR D 14 -2.85 -12.27 -34.92
N LYS D 15 -3.35 -11.11 -35.34
CA LYS D 15 -2.84 -10.49 -36.56
C LYS D 15 -1.36 -10.18 -36.44
N VAL D 16 -0.86 -9.99 -35.21
CA VAL D 16 0.56 -9.74 -35.04
C VAL D 16 1.38 -11.01 -35.08
N LEU D 17 0.87 -12.12 -34.53
CA LEU D 17 1.59 -13.39 -34.65
C LEU D 17 1.75 -13.78 -36.11
N LYS D 18 0.69 -13.69 -36.89
CA LYS D 18 0.80 -13.97 -38.32
C LYS D 18 1.79 -13.04 -39.00
N GLN D 19 1.92 -11.81 -38.52
CA GLN D 19 2.98 -10.94 -39.00
C GLN D 19 4.35 -11.45 -38.56
N VAL D 20 4.44 -11.97 -37.34
CA VAL D 20 5.74 -12.37 -36.80
C VAL D 20 6.04 -13.82 -37.14
N HIS D 21 5.23 -14.74 -36.62
CA HIS D 21 5.40 -16.18 -36.89
C HIS D 21 4.12 -16.69 -37.55
N PRO D 22 4.10 -16.84 -38.86
CA PRO D 22 2.86 -17.23 -39.54
C PRO D 22 2.42 -18.67 -39.31
N ASP D 23 3.07 -19.39 -38.40
CA ASP D 23 2.71 -20.78 -38.13
C ASP D 23 2.54 -21.12 -36.66
N THR D 24 3.05 -20.31 -35.74
CA THR D 24 2.91 -20.60 -34.32
C THR D 24 1.55 -20.12 -33.81
N GLY D 25 1.19 -20.63 -32.64
CA GLY D 25 -0.07 -20.26 -32.01
C GLY D 25 0.16 -19.88 -30.56
N ILE D 26 -0.91 -19.42 -29.93
CA ILE D 26 -0.89 -18.99 -28.54
C ILE D 26 -2.05 -19.63 -27.80
N SER D 27 -1.77 -20.07 -26.57
CA SER D 27 -2.82 -20.62 -25.72
C SER D 27 -3.66 -19.49 -25.13
N SER D 28 -4.91 -19.81 -24.82
CA SER D 28 -5.80 -18.81 -24.22
C SER D 28 -5.30 -18.35 -22.86
N LYS D 29 -4.74 -19.25 -22.07
CA LYS D 29 -4.22 -18.85 -20.76
C LYS D 29 -3.11 -17.82 -20.91
N ALA D 30 -2.18 -18.04 -21.83
CA ALA D 30 -1.18 -17.04 -22.13
C ALA D 30 -1.77 -15.85 -22.88
N MET D 31 -2.88 -16.06 -23.57
CA MET D 31 -3.44 -14.98 -24.37
C MET D 31 -3.95 -13.84 -23.49
N GLY D 32 -4.56 -14.17 -22.36
CA GLY D 32 -5.01 -13.15 -21.43
C GLY D 32 -3.90 -12.33 -20.84
N ILE D 33 -2.72 -12.93 -20.62
CA ILE D 33 -1.58 -12.17 -20.14
C ILE D 33 -1.22 -11.07 -21.11
N MET D 34 -1.16 -11.40 -22.40
CA MET D 34 -0.93 -10.36 -23.40
C MET D 34 -2.10 -9.40 -23.50
N ASN D 35 -3.33 -9.88 -23.25
CA ASN D 35 -4.47 -8.97 -23.22
C ASN D 35 -4.32 -7.94 -22.10
N SER D 36 -3.90 -8.39 -20.92
CA SER D 36 -3.68 -7.47 -19.82
C SER D 36 -2.44 -6.61 -20.03
N PHE D 37 -1.45 -7.11 -20.77
CA PHE D 37 -0.25 -6.31 -21.01
C PHE D 37 -0.57 -5.05 -21.76
N VAL D 38 -1.41 -5.14 -22.79
CA VAL D 38 -1.80 -3.95 -23.54
C VAL D 38 -2.53 -2.98 -22.63
N ASN D 39 -3.47 -3.47 -21.82
CA ASN D 39 -4.22 -2.61 -20.94
C ASN D 39 -3.31 -1.93 -19.92
N ASP D 40 -2.38 -2.67 -19.32
CA ASP D 40 -1.46 -2.08 -18.35
C ASP D 40 -0.60 -1.02 -19.00
N ILE D 41 0.00 -1.35 -20.15
CA ILE D 41 0.85 -0.38 -20.83
C ILE D 41 0.04 0.81 -21.29
N PHE D 42 -1.14 0.58 -21.86
CA PHE D 42 -1.97 1.68 -22.33
C PHE D 42 -2.25 2.68 -21.21
N GLU D 43 -2.54 2.19 -20.01
CA GLU D 43 -2.81 3.05 -18.88
C GLU D 43 -1.60 3.89 -18.47
N ARG D 44 -0.39 3.38 -18.67
CA ARG D 44 0.78 4.15 -18.28
C ARG D 44 0.94 5.39 -19.17
N ILE D 45 1.04 5.19 -20.49
CA ILE D 45 1.20 6.34 -21.38
C ILE D 45 -0.03 7.23 -21.35
N ALA D 46 -1.22 6.64 -21.41
CA ALA D 46 -2.44 7.44 -21.31
C ALA D 46 -2.49 8.19 -19.99
N GLY D 47 -2.12 7.53 -18.89
CA GLY D 47 -2.02 8.24 -17.63
C GLY D 47 -0.92 9.27 -17.62
N GLU D 48 0.26 8.92 -18.15
CA GLU D 48 1.38 9.86 -18.15
C GLU D 48 1.07 11.10 -18.98
N ALA D 49 0.48 10.91 -20.16
CA ALA D 49 0.11 12.04 -20.99
C ALA D 49 -0.89 12.97 -20.31
N SER D 50 -1.65 12.46 -19.33
CA SER D 50 -2.59 13.32 -18.63
C SER D 50 -1.86 14.40 -17.84
N ARG D 51 -0.83 14.03 -17.07
CA ARG D 51 -0.09 15.06 -16.34
C ARG D 51 0.58 16.05 -17.28
N LEU D 52 1.24 15.57 -18.33
CA LEU D 52 1.93 16.50 -19.22
C LEU D 52 0.97 17.47 -19.88
N ALA D 53 -0.29 17.08 -20.06
CA ALA D 53 -1.28 18.05 -20.50
C ALA D 53 -1.48 19.14 -19.46
N HIS D 54 -1.48 18.78 -18.18
CA HIS D 54 -1.63 19.78 -17.13
C HIS D 54 -0.37 20.60 -16.94
N TYR D 55 0.80 19.98 -17.11
CA TYR D 55 2.06 20.60 -16.74
C TYR D 55 2.34 21.85 -17.57
N ASN D 56 1.78 21.93 -18.77
CA ASN D 56 1.82 23.13 -19.58
C ASN D 56 0.48 23.84 -19.62
N LYS D 57 -0.44 23.48 -18.73
CA LYS D 57 -1.76 24.11 -18.65
C LYS D 57 -2.49 24.00 -19.98
N ARG D 58 -2.34 22.85 -20.64
CA ARG D 58 -3.05 22.57 -21.87
C ARG D 58 -4.24 21.67 -21.58
N SER D 59 -5.16 21.62 -22.54
CA SER D 59 -6.38 20.84 -22.39
C SER D 59 -6.51 19.71 -23.40
N THR D 60 -5.61 19.62 -24.37
CA THR D 60 -5.66 18.58 -25.38
C THR D 60 -4.51 17.61 -25.22
N ILE D 61 -4.69 16.41 -25.75
CA ILE D 61 -3.62 15.43 -25.84
C ILE D 61 -3.37 15.18 -27.32
N THR D 62 -2.33 15.80 -27.85
CA THR D 62 -1.96 15.52 -29.23
C THR D 62 -0.84 14.49 -29.26
N SER D 63 -0.46 14.11 -30.48
CA SER D 63 0.59 13.12 -30.63
C SER D 63 1.88 13.55 -29.94
N ARG D 64 2.11 14.87 -29.84
CA ARG D 64 3.33 15.35 -29.20
C ARG D 64 3.35 15.02 -27.71
N GLU D 65 2.20 15.10 -27.04
CA GLU D 65 2.14 14.73 -25.63
C GLU D 65 2.43 13.27 -25.39
N ILE D 66 2.32 12.42 -26.40
CA ILE D 66 2.59 11.00 -26.25
C ILE D 66 4.03 10.67 -26.61
N GLN D 67 4.63 11.37 -27.58
CA GLN D 67 6.03 11.16 -27.90
C GLN D 67 6.90 11.32 -26.66
N THR D 68 6.73 12.42 -25.94
CA THR D 68 7.47 12.63 -24.71
C THR D 68 7.09 11.62 -23.63
N ALA D 69 5.81 11.28 -23.53
CA ALA D 69 5.39 10.28 -22.55
C ALA D 69 6.07 8.93 -22.82
N VAL D 70 6.24 8.57 -24.08
CA VAL D 70 6.93 7.33 -24.41
C VAL D 70 8.38 7.39 -23.95
N ARG D 71 9.07 8.50 -24.20
CA ARG D 71 10.46 8.61 -23.77
C ARG D 71 10.61 8.54 -22.26
N LEU D 72 9.59 8.92 -21.51
CA LEU D 72 9.65 8.80 -20.06
C LEU D 72 9.49 7.36 -19.60
N LEU D 73 8.63 6.60 -20.28
CA LEU D 73 8.27 5.25 -19.84
C LEU D 73 9.16 4.19 -20.46
N LEU D 74 9.24 4.16 -21.78
CA LEU D 74 10.08 3.16 -22.41
C LEU D 74 11.55 3.52 -22.24
N PRO D 75 12.35 2.63 -21.69
CA PRO D 75 13.76 2.94 -21.41
C PRO D 75 14.64 2.76 -22.63
N GLY D 76 15.39 3.80 -22.97
CA GLY D 76 16.48 3.71 -23.92
C GLY D 76 16.15 3.16 -25.30
N GLU D 77 16.66 1.97 -25.60
CA GLU D 77 16.58 1.40 -26.93
C GLU D 77 15.16 1.21 -27.42
N LEU D 78 14.24 0.75 -26.57
CA LEU D 78 12.85 0.62 -26.98
C LEU D 78 12.22 1.96 -27.31
N ALA D 79 12.58 3.00 -26.55
CA ALA D 79 11.98 4.31 -26.77
C ALA D 79 12.30 4.87 -28.14
N LYS D 80 13.55 4.80 -28.58
CA LYS D 80 13.90 5.37 -29.88
C LYS D 80 13.35 4.58 -31.03
N HIS D 81 12.92 3.33 -30.80
CA HIS D 81 12.28 2.54 -31.84
C HIS D 81 10.78 2.73 -31.87
N ALA D 82 10.11 2.77 -30.71
CA ALA D 82 8.68 3.00 -30.70
C ALA D 82 8.33 4.38 -31.22
N VAL D 83 9.17 5.38 -30.95
CA VAL D 83 8.94 6.70 -31.50
C VAL D 83 8.98 6.66 -33.02
N SER D 84 9.96 5.95 -33.58
CA SER D 84 10.04 5.83 -35.04
C SER D 84 8.78 5.20 -35.60
N GLU D 85 8.30 4.14 -34.97
CA GLU D 85 7.05 3.53 -35.41
C GLU D 85 5.87 4.48 -35.25
N GLY D 86 5.83 5.21 -34.13
CA GLY D 86 4.73 6.14 -33.93
C GLY D 86 4.72 7.25 -34.96
N THR D 87 5.89 7.87 -35.19
CA THR D 87 5.97 8.91 -36.20
C THR D 87 5.68 8.38 -37.59
N LYS D 88 6.14 7.17 -37.90
CA LYS D 88 5.88 6.59 -39.21
C LYS D 88 4.39 6.44 -39.46
N ALA D 89 3.65 5.97 -38.46
CA ALA D 89 2.21 5.81 -38.62
C ALA D 89 1.50 7.14 -38.79
N VAL D 90 1.87 8.15 -38.00
CA VAL D 90 1.21 9.44 -38.11
C VAL D 90 1.48 10.07 -39.47
N THR D 91 2.72 9.95 -39.96
CA THR D 91 3.03 10.51 -41.28
C THR D 91 2.18 9.88 -42.36
N LYS D 92 1.97 8.56 -42.31
CA LYS D 92 1.07 7.92 -43.25
C LYS D 92 -0.35 8.45 -43.12
N TYR D 93 -0.82 8.64 -41.88
CA TYR D 93 -2.19 9.10 -41.67
C TYR D 93 -2.41 10.50 -42.25
N THR D 94 -1.49 11.43 -41.98
CA THR D 94 -1.68 12.80 -42.43
C THR D 94 -1.72 12.92 -43.95
N SER D 95 -1.05 12.03 -44.66
CA SER D 95 -1.09 12.04 -46.11
C SER D 95 -2.40 11.53 -46.67
N ALA D 96 -3.21 10.86 -45.86
CA ALA D 96 -4.49 10.34 -46.33
C ALA D 96 -5.65 11.10 -45.69
N LYS E 1 26.34 -47.57 3.52
CA LYS E 1 27.24 -48.68 3.18
C LYS E 1 26.77 -49.35 1.90
N LYS E 2 26.08 -50.48 2.05
CA LYS E 2 25.54 -51.21 0.90
C LYS E 2 24.49 -50.38 0.16
N PRO E 3 23.55 -49.73 0.85
CA PRO E 3 22.66 -48.80 0.14
C PRO E 3 23.43 -47.63 -0.43
N HIS E 4 22.95 -47.13 -1.55
CA HIS E 4 23.60 -46.04 -2.28
C HIS E 4 23.04 -44.70 -1.80
N ARG E 5 23.84 -43.97 -1.06
CA ARG E 5 23.47 -42.64 -0.57
C ARG E 5 24.28 -41.57 -1.29
N TYR E 6 23.60 -40.54 -1.77
CA TYR E 6 24.28 -39.40 -2.36
C TYR E 6 24.90 -38.54 -1.28
N ARG E 7 25.93 -37.80 -1.67
CA ARG E 7 26.48 -36.79 -0.78
C ARG E 7 25.44 -35.70 -0.54
N PRO E 8 25.33 -35.20 0.68
CA PRO E 8 24.35 -34.13 0.94
C PRO E 8 24.64 -32.92 0.10
N GLY E 9 23.56 -32.31 -0.42
CA GLY E 9 23.69 -31.14 -1.24
C GLY E 9 23.36 -31.38 -2.70
N THR E 10 23.81 -32.50 -3.26
CA THR E 10 23.55 -32.75 -4.67
C THR E 10 22.08 -32.99 -4.95
N VAL E 11 21.36 -33.61 -4.01
CA VAL E 11 19.91 -33.73 -4.18
C VAL E 11 19.25 -32.37 -4.15
N ALA E 12 19.76 -31.47 -3.31
CA ALA E 12 19.24 -30.10 -3.27
C ALA E 12 19.46 -29.40 -4.61
N LEU E 13 20.65 -29.56 -5.20
CA LEU E 13 20.91 -28.98 -6.50
C LEU E 13 20.00 -29.57 -7.56
N ARG E 14 19.78 -30.88 -7.53
CA ARG E 14 18.86 -31.51 -8.47
C ARG E 14 17.45 -30.97 -8.32
N GLU E 15 16.97 -30.81 -7.09
CA GLU E 15 15.65 -30.23 -6.87
C GLU E 15 15.57 -28.80 -7.33
N ILE E 16 16.61 -28.00 -7.12
CA ILE E 16 16.62 -26.63 -7.64
C ILE E 16 16.50 -26.65 -9.15
N ARG E 17 17.30 -27.49 -9.80
CA ARG E 17 17.26 -27.57 -11.25
C ARG E 17 15.90 -28.03 -11.78
N ARG E 18 15.24 -28.94 -11.05
CA ARG E 18 13.91 -29.37 -11.49
C ARG E 18 12.89 -28.26 -11.30
N TYR E 19 12.89 -27.62 -10.13
CA TYR E 19 11.83 -26.67 -9.80
C TYR E 19 12.01 -25.34 -10.51
N GLN E 20 13.21 -25.04 -11.02
CA GLN E 20 13.37 -23.81 -11.77
C GLN E 20 12.95 -23.96 -13.22
N LYS E 21 12.65 -25.17 -13.68
CA LYS E 21 12.07 -25.36 -15.00
C LYS E 21 10.57 -25.53 -14.94
N SER E 22 10.06 -25.99 -13.80
CA SER E 22 8.64 -26.25 -13.64
C SER E 22 7.86 -24.94 -13.54
N THR E 23 6.56 -25.03 -13.82
CA THR E 23 5.67 -23.88 -13.74
C THR E 23 4.45 -24.14 -12.87
N GLU E 24 4.23 -25.39 -12.43
CA GLU E 24 3.04 -25.69 -11.65
C GLU E 24 3.13 -25.07 -10.27
N LEU E 25 1.98 -24.98 -9.62
CA LEU E 25 1.91 -24.38 -8.29
C LEU E 25 2.66 -25.27 -7.29
N LEU E 26 3.29 -24.63 -6.31
CA LEU E 26 4.07 -25.35 -5.31
C LEU E 26 3.39 -25.47 -3.96
N ILE E 27 2.71 -24.42 -3.49
CA ILE E 27 1.97 -24.51 -2.24
C ILE E 27 0.73 -25.38 -2.46
N ARG E 28 0.43 -26.22 -1.47
CA ARG E 28 -0.72 -27.10 -1.56
C ARG E 28 -2.01 -26.29 -1.64
N LYS E 29 -3.00 -26.83 -2.35
CA LYS E 29 -4.18 -26.06 -2.70
C LYS E 29 -5.12 -25.87 -1.52
N LEU E 30 -5.65 -26.96 -0.99
CA LEU E 30 -6.70 -26.88 0.03
C LEU E 30 -6.24 -26.17 1.31
N PRO E 31 -5.09 -26.47 1.90
CA PRO E 31 -4.67 -25.70 3.08
C PRO E 31 -4.48 -24.23 2.79
N PHE E 32 -4.01 -23.85 1.61
CA PHE E 32 -3.92 -22.43 1.29
C PHE E 32 -5.29 -21.79 1.21
N GLN E 33 -6.25 -22.49 0.61
CA GLN E 33 -7.61 -21.96 0.58
C GLN E 33 -8.17 -21.79 1.98
N ARG E 34 -7.91 -22.77 2.85
CA ARG E 34 -8.32 -22.65 4.25
C ARG E 34 -7.69 -21.43 4.91
N LEU E 35 -6.39 -21.22 4.68
CA LEU E 35 -5.72 -20.06 5.26
C LEU E 35 -6.34 -18.76 4.76
N VAL E 36 -6.61 -18.69 3.46
CA VAL E 36 -7.20 -17.48 2.90
C VAL E 36 -8.56 -17.20 3.50
N ARG E 37 -9.41 -18.23 3.61
CA ARG E 37 -10.72 -18.00 4.19
C ARG E 37 -10.68 -17.78 5.69
N GLU E 38 -9.62 -18.21 6.36
CA GLU E 38 -9.48 -17.85 7.77
C GLU E 38 -9.09 -16.40 7.94
N ILE E 39 -8.15 -15.91 7.12
CA ILE E 39 -7.69 -14.53 7.25
C ILE E 39 -8.83 -13.56 6.98
N ALA E 40 -9.66 -13.85 5.98
CA ALA E 40 -10.76 -12.96 5.62
C ALA E 40 -11.78 -12.80 6.74
N GLN E 41 -11.88 -13.76 7.66
CA GLN E 41 -12.83 -13.63 8.75
C GLN E 41 -12.50 -12.49 9.68
N ASP E 42 -11.25 -12.03 9.70
CA ASP E 42 -10.86 -10.94 10.58
C ASP E 42 -11.34 -9.57 10.09
N PHE E 43 -11.75 -9.47 8.83
CA PHE E 43 -12.23 -8.21 8.29
C PHE E 43 -13.74 -8.18 8.10
N LYS E 44 -14.32 -9.26 7.60
CA LYS E 44 -15.77 -9.39 7.56
C LYS E 44 -16.11 -10.86 7.69
N THR E 45 -17.24 -11.16 8.34
CA THR E 45 -17.68 -12.53 8.49
C THR E 45 -18.47 -12.97 7.25
N ASP E 46 -18.40 -14.27 6.95
CA ASP E 46 -19.19 -14.89 5.89
C ASP E 46 -18.89 -14.26 4.53
N LEU E 47 -17.65 -14.44 4.07
CA LEU E 47 -17.28 -14.06 2.72
C LEU E 47 -17.40 -15.24 1.77
N ARG E 48 -17.32 -14.95 0.48
CA ARG E 48 -17.24 -15.96 -0.55
C ARG E 48 -16.11 -15.59 -1.51
N PHE E 49 -15.41 -16.61 -1.99
CA PHE E 49 -14.25 -16.42 -2.83
C PHE E 49 -14.44 -17.12 -4.16
N GLN E 50 -14.15 -16.41 -5.24
CA GLN E 50 -14.11 -17.05 -6.55
C GLN E 50 -12.92 -18.00 -6.61
N SER E 51 -13.07 -19.05 -7.41
CA SER E 51 -11.98 -20.00 -7.59
C SER E 51 -10.75 -19.31 -8.18
N SER E 52 -10.95 -18.41 -9.14
CA SER E 52 -9.83 -17.71 -9.75
C SER E 52 -9.15 -16.77 -8.76
N ALA E 53 -9.92 -16.15 -7.86
CA ALA E 53 -9.36 -15.26 -6.86
C ALA E 53 -8.37 -15.95 -5.93
N VAL E 54 -8.72 -17.14 -5.45
CA VAL E 54 -7.79 -17.89 -4.60
C VAL E 54 -6.54 -18.26 -5.38
N MET E 55 -6.68 -18.64 -6.65
CA MET E 55 -5.50 -18.97 -7.45
C MET E 55 -4.59 -17.76 -7.61
N ALA E 56 -5.17 -16.59 -7.88
CA ALA E 56 -4.38 -15.38 -7.99
C ALA E 56 -3.65 -15.07 -6.70
N LEU E 57 -4.37 -15.12 -5.57
CA LEU E 57 -3.74 -14.90 -4.28
C LEU E 57 -2.61 -15.87 -4.03
N GLN E 58 -2.80 -17.15 -4.37
CA GLN E 58 -1.77 -18.13 -4.13
C GLN E 58 -0.54 -17.91 -4.99
N GLU E 59 -0.72 -17.67 -6.28
CA GLU E 59 0.47 -17.59 -7.11
C GLU E 59 1.19 -16.26 -6.96
N ALA E 60 0.49 -15.17 -6.61
CA ALA E 60 1.19 -13.96 -6.24
C ALA E 60 2.02 -14.15 -4.98
N CYS E 61 1.48 -14.88 -4.00
CA CYS E 61 2.23 -15.17 -2.79
C CYS E 61 3.47 -16.00 -3.09
N GLU E 62 3.34 -16.99 -3.97
CA GLU E 62 4.53 -17.76 -4.33
C GLU E 62 5.59 -16.91 -4.99
N ALA E 63 5.18 -15.99 -5.88
CA ALA E 63 6.17 -15.10 -6.50
C ALA E 63 6.85 -14.23 -5.46
N TYR E 64 6.08 -13.69 -4.52
CA TYR E 64 6.67 -12.87 -3.46
C TYR E 64 7.67 -13.67 -2.64
N LEU E 65 7.30 -14.89 -2.26
CA LEU E 65 8.19 -15.72 -1.46
C LEU E 65 9.44 -16.09 -2.24
N VAL E 66 9.30 -16.37 -3.53
CA VAL E 66 10.46 -16.72 -4.34
C VAL E 66 11.42 -15.54 -4.43
N GLY E 67 10.91 -14.34 -4.63
CA GLY E 67 11.77 -13.16 -4.59
C GLY E 67 12.46 -13.00 -3.26
N LEU E 68 11.72 -13.22 -2.17
CA LEU E 68 12.31 -13.12 -0.85
C LEU E 68 13.47 -14.11 -0.68
N PHE E 69 13.26 -15.35 -1.10
CA PHE E 69 14.31 -16.35 -0.94
C PHE E 69 15.51 -16.09 -1.84
N GLU E 70 15.30 -15.60 -3.06
CA GLU E 70 16.45 -15.29 -3.90
C GLU E 70 17.22 -14.09 -3.35
N ASP E 71 16.54 -13.19 -2.63
CA ASP E 71 17.29 -12.17 -1.89
C ASP E 71 18.04 -12.74 -0.70
N THR E 72 17.42 -13.66 0.03
CA THR E 72 18.11 -14.26 1.18
C THR E 72 19.32 -15.08 0.78
N ASN E 73 19.33 -15.68 -0.41
CA ASN E 73 20.55 -16.32 -0.88
C ASN E 73 21.68 -15.32 -1.00
N LEU E 74 21.40 -14.16 -1.60
CA LEU E 74 22.43 -13.13 -1.70
C LEU E 74 22.90 -12.70 -0.33
N CYS E 75 21.96 -12.51 0.60
CA CYS E 75 22.33 -12.12 1.95
C CYS E 75 23.21 -13.16 2.61
N ALA E 76 22.88 -14.44 2.46
CA ALA E 76 23.64 -15.50 3.13
C ALA E 76 25.02 -15.65 2.51
N ILE E 77 25.12 -15.62 1.18
CA ILE E 77 26.42 -15.73 0.53
C ILE E 77 27.28 -14.54 0.87
N HIS E 78 26.67 -13.35 1.03
CA HIS E 78 27.45 -12.19 1.43
C HIS E 78 28.12 -12.41 2.78
N ALA E 79 27.50 -13.19 3.65
CA ALA E 79 28.08 -13.54 4.95
C ALA E 79 29.03 -14.73 4.85
N LYS E 80 29.47 -15.08 3.65
CA LYS E 80 30.41 -16.18 3.43
C LYS E 80 29.88 -17.49 4.00
N ARG E 81 28.61 -17.77 3.75
CA ARG E 81 27.97 -18.98 4.25
C ARG E 81 26.87 -19.38 3.27
N VAL E 82 26.40 -20.62 3.42
CA VAL E 82 25.45 -21.22 2.51
C VAL E 82 24.07 -21.34 3.14
N THR E 83 24.00 -21.84 4.37
CA THR E 83 22.72 -22.02 5.04
C THR E 83 22.05 -20.66 5.27
N ILE E 84 20.73 -20.64 5.16
CA ILE E 84 19.96 -19.43 5.42
C ILE E 84 19.45 -19.48 6.85
N MET E 85 19.75 -18.44 7.61
CA MET E 85 19.22 -18.23 8.95
C MET E 85 18.16 -17.14 8.94
N PRO E 86 17.30 -17.10 9.95
CA PRO E 86 16.20 -16.10 9.94
C PRO E 86 16.68 -14.67 9.90
N LYS E 87 17.92 -14.38 10.31
CA LYS E 87 18.44 -13.03 10.18
C LYS E 87 18.52 -12.60 8.72
N ASP E 88 18.71 -13.53 7.80
CA ASP E 88 18.79 -13.19 6.38
C ASP E 88 17.48 -12.62 5.87
N ILE E 89 16.36 -13.23 6.23
CA ILE E 89 15.06 -12.73 5.80
C ILE E 89 14.80 -11.35 6.40
N GLN E 90 15.13 -11.16 7.68
CA GLN E 90 14.92 -9.85 8.29
C GLN E 90 15.77 -8.79 7.60
N LEU E 91 17.02 -9.11 7.27
CA LEU E 91 17.84 -8.15 6.52
C LEU E 91 17.26 -7.85 5.15
N ALA E 92 16.82 -8.88 4.43
CA ALA E 92 16.27 -8.65 3.10
C ALA E 92 15.02 -7.78 3.15
N ARG E 93 14.14 -8.03 4.11
CA ARG E 93 12.95 -7.22 4.26
C ARG E 93 13.27 -5.81 4.74
N ARG E 94 14.27 -5.65 5.61
CA ARG E 94 14.68 -4.34 6.05
C ARG E 94 15.22 -3.50 4.90
N ILE E 95 16.02 -4.11 4.02
CA ILE E 95 16.56 -3.35 2.90
C ILE E 95 15.47 -2.98 1.91
N ARG E 96 14.52 -3.90 1.65
CA ARG E 96 13.41 -3.56 0.78
C ARG E 96 12.54 -2.45 1.35
N GLY E 97 12.56 -2.24 2.66
CA GLY E 97 11.71 -1.25 3.28
C GLY E 97 10.39 -1.78 3.79
N GLU E 98 10.22 -3.10 3.87
CA GLU E 98 8.99 -3.67 4.37
C GLU E 98 8.91 -3.70 5.90
N ARG E 99 10.01 -3.40 6.58
CA ARG E 99 10.03 -3.40 8.04
C ARG E 99 10.48 -2.05 8.58
N LYS F 1 -12.99 -28.83 14.25
CA LYS F 1 -13.31 -27.98 15.40
C LYS F 1 -13.76 -26.60 14.92
N VAL F 2 -13.19 -25.56 15.52
CA VAL F 2 -13.54 -24.17 15.18
C VAL F 2 -12.25 -23.38 15.08
N LEU F 3 -11.91 -22.92 13.87
CA LEU F 3 -10.81 -22.00 13.63
C LEU F 3 -9.48 -22.57 14.16
N ARG F 4 -9.08 -23.67 13.55
CA ARG F 4 -7.85 -24.36 13.95
C ARG F 4 -6.64 -23.46 13.65
N ASP F 5 -5.45 -23.92 14.03
CA ASP F 5 -4.24 -23.15 13.76
C ASP F 5 -4.08 -22.85 12.28
N ASN F 6 -4.13 -23.89 11.45
CA ASN F 6 -4.41 -23.78 10.02
C ASN F 6 -3.31 -23.05 9.27
N ILE F 7 -2.32 -22.50 9.99
CA ILE F 7 -1.14 -21.93 9.37
C ILE F 7 -0.05 -22.99 9.18
N GLN F 8 -0.11 -24.09 9.93
CA GLN F 8 0.72 -25.24 9.63
C GLN F 8 0.37 -25.89 8.31
N GLY F 9 -0.77 -25.52 7.71
CA GLY F 9 -1.10 -25.98 6.37
C GLY F 9 -0.04 -25.63 5.34
N ILE F 10 0.73 -24.58 5.58
CA ILE F 10 1.92 -24.31 4.79
C ILE F 10 3.00 -25.25 5.31
N THR F 11 3.08 -26.44 4.73
CA THR F 11 3.89 -27.50 5.29
C THR F 11 5.37 -27.21 5.13
N LYS F 12 6.17 -27.88 5.95
CA LYS F 12 7.61 -27.73 5.89
C LYS F 12 8.19 -28.07 4.52
N PRO F 13 7.83 -29.18 3.85
CA PRO F 13 8.35 -29.39 2.50
C PRO F 13 7.92 -28.33 1.51
N ALA F 14 6.73 -27.77 1.67
CA ALA F 14 6.26 -26.73 0.76
C ALA F 14 7.15 -25.49 0.81
N ILE F 15 7.63 -25.11 1.99
CA ILE F 15 8.54 -23.98 2.09
C ILE F 15 9.85 -24.29 1.40
N ARG F 16 10.34 -25.52 1.52
CA ARG F 16 11.57 -25.88 0.83
C ARG F 16 11.40 -25.86 -0.68
N ARG F 17 10.25 -26.26 -1.20
CA ARG F 17 10.02 -26.14 -2.63
C ARG F 17 10.13 -24.67 -3.08
N LEU F 18 9.49 -23.76 -2.36
CA LEU F 18 9.59 -22.35 -2.69
C LEU F 18 11.02 -21.85 -2.61
N ALA F 19 11.75 -22.24 -1.57
CA ALA F 19 13.14 -21.82 -1.45
C ALA F 19 13.99 -22.34 -2.59
N ARG F 20 13.82 -23.60 -2.96
CA ARG F 20 14.64 -24.18 -4.01
C ARG F 20 14.24 -23.69 -5.39
N ARG F 21 13.05 -23.13 -5.56
CA ARG F 21 12.80 -22.35 -6.76
C ARG F 21 13.70 -21.13 -6.81
N GLY F 22 13.92 -20.48 -5.66
CA GLY F 22 14.84 -19.36 -5.62
C GLY F 22 16.30 -19.77 -5.65
N GLY F 23 16.58 -21.06 -5.58
CA GLY F 23 17.95 -21.52 -5.65
C GLY F 23 18.66 -21.52 -4.32
N VAL F 24 18.13 -22.27 -3.36
CA VAL F 24 18.68 -22.33 -2.01
C VAL F 24 19.24 -23.73 -1.79
N LYS F 25 20.47 -23.81 -1.29
CA LYS F 25 21.04 -25.11 -0.95
C LYS F 25 20.50 -25.64 0.38
N ARG F 26 20.70 -24.89 1.45
CA ARG F 26 20.41 -25.38 2.80
C ARG F 26 19.41 -24.46 3.51
N ILE F 27 18.54 -25.07 4.31
CA ILE F 27 17.55 -24.38 5.11
C ILE F 27 17.83 -24.66 6.58
N SER F 28 18.07 -23.62 7.36
CA SER F 28 18.13 -23.82 8.80
C SER F 28 16.73 -24.03 9.35
N GLY F 29 16.67 -24.69 10.52
CA GLY F 29 15.39 -25.08 11.07
C GLY F 29 14.49 -23.92 11.45
N LEU F 30 15.04 -22.73 11.60
CA LEU F 30 14.26 -21.58 12.05
C LEU F 30 13.58 -20.84 10.91
N ILE F 31 13.84 -21.22 9.66
CA ILE F 31 13.27 -20.50 8.53
C ILE F 31 11.77 -20.74 8.43
N TYR F 32 11.31 -21.93 8.83
CA TYR F 32 9.91 -22.27 8.64
C TYR F 32 8.99 -21.43 9.51
N GLU F 33 9.42 -21.09 10.72
CA GLU F 33 8.61 -20.24 11.57
C GLU F 33 8.54 -18.80 11.06
N GLU F 34 9.65 -18.26 10.57
CA GLU F 34 9.67 -16.90 10.06
C GLU F 34 8.93 -16.76 8.74
N THR F 35 9.03 -17.76 7.87
CA THR F 35 8.36 -17.70 6.58
C THR F 35 6.85 -17.65 6.74
N ARG F 36 6.31 -18.42 7.68
CA ARG F 36 4.86 -18.39 7.90
C ARG F 36 4.41 -17.02 8.37
N GLY F 37 5.19 -16.38 9.25
CA GLY F 37 4.84 -15.04 9.68
C GLY F 37 4.88 -14.02 8.56
N VAL F 38 5.92 -14.07 7.73
CA VAL F 38 6.00 -13.16 6.59
C VAL F 38 4.84 -13.39 5.64
N LEU F 39 4.54 -14.67 5.37
CA LEU F 39 3.44 -15.01 4.46
C LEU F 39 2.12 -14.50 5.00
N LYS F 40 1.88 -14.66 6.30
CA LYS F 40 0.67 -14.16 6.92
C LYS F 40 0.57 -12.65 6.84
N VAL F 41 1.69 -11.93 7.03
CA VAL F 41 1.66 -10.49 6.87
C VAL F 41 1.27 -10.12 5.44
N PHE F 42 1.83 -10.81 4.46
CA PHE F 42 1.49 -10.51 3.07
C PHE F 42 0.01 -10.76 2.77
N LEU F 43 -0.52 -11.91 3.22
CA LEU F 43 -1.94 -12.17 3.05
C LEU F 43 -2.80 -11.11 3.74
N GLU F 44 -2.43 -10.71 4.95
CA GLU F 44 -3.21 -9.68 5.62
C GLU F 44 -3.23 -8.40 4.77
N ASN F 45 -2.06 -7.96 4.34
CA ASN F 45 -1.97 -6.72 3.58
C ASN F 45 -2.71 -6.76 2.25
N VAL F 46 -2.83 -7.92 1.63
CA VAL F 46 -3.54 -8.02 0.36
C VAL F 46 -5.04 -8.21 0.57
N ILE F 47 -5.43 -9.14 1.45
CA ILE F 47 -6.83 -9.44 1.65
C ILE F 47 -7.56 -8.26 2.27
N ARG F 48 -6.87 -7.41 3.05
CA ARG F 48 -7.53 -6.22 3.57
C ARG F 48 -8.04 -5.35 2.43
N ASP F 49 -7.16 -5.03 1.48
CA ASP F 49 -7.56 -4.20 0.35
C ASP F 49 -8.59 -4.90 -0.52
N ALA F 50 -8.45 -6.20 -0.74
CA ALA F 50 -9.44 -6.92 -1.53
C ALA F 50 -10.83 -6.84 -0.88
N VAL F 51 -10.89 -7.03 0.44
CA VAL F 51 -12.15 -6.97 1.15
C VAL F 51 -12.74 -5.57 1.08
N THR F 52 -11.89 -4.55 1.21
CA THR F 52 -12.40 -3.19 1.07
C THR F 52 -12.97 -2.93 -0.32
N TYR F 53 -12.30 -3.41 -1.36
CA TYR F 53 -12.85 -3.26 -2.71
C TYR F 53 -14.21 -3.95 -2.82
N THR F 54 -14.32 -5.18 -2.31
CA THR F 54 -15.60 -5.87 -2.35
C THR F 54 -16.68 -5.11 -1.60
N GLU F 55 -16.35 -4.60 -0.41
CA GLU F 55 -17.33 -3.85 0.37
C GLU F 55 -17.77 -2.59 -0.33
N HIS F 56 -16.85 -1.89 -0.99
CA HIS F 56 -17.27 -0.73 -1.77
C HIS F 56 -18.14 -1.15 -2.94
N ALA F 57 -17.91 -2.33 -3.50
CA ALA F 57 -18.75 -2.82 -4.58
C ALA F 57 -20.11 -3.31 -4.11
N LYS F 58 -20.34 -3.31 -2.80
CA LYS F 58 -21.59 -3.80 -2.21
C LYS F 58 -21.84 -5.26 -2.59
N ARG F 59 -20.77 -6.05 -2.61
CA ARG F 59 -20.87 -7.46 -2.95
C ARG F 59 -20.50 -8.31 -1.75
N LYS F 60 -20.69 -9.62 -1.90
CA LYS F 60 -20.28 -10.58 -0.88
C LYS F 60 -19.20 -11.54 -1.36
N THR F 61 -19.04 -11.74 -2.67
CA THR F 61 -17.98 -12.58 -3.18
C THR F 61 -16.76 -11.73 -3.49
N VAL F 62 -15.58 -12.31 -3.23
CA VAL F 62 -14.31 -11.64 -3.51
C VAL F 62 -13.87 -12.11 -4.89
N THR F 63 -14.11 -11.29 -5.91
CA THR F 63 -13.77 -11.67 -7.27
C THR F 63 -12.27 -11.58 -7.48
N ALA F 64 -11.77 -12.29 -8.49
CA ALA F 64 -10.34 -12.24 -8.80
C ALA F 64 -9.94 -10.86 -9.27
N MET F 65 -10.87 -10.11 -9.86
CA MET F 65 -10.58 -8.75 -10.26
C MET F 65 -10.17 -7.90 -9.07
N ASP F 66 -10.86 -8.08 -7.93
CA ASP F 66 -10.50 -7.34 -6.73
C ASP F 66 -9.12 -7.71 -6.22
N VAL F 67 -8.75 -8.99 -6.30
CA VAL F 67 -7.42 -9.39 -5.87
C VAL F 67 -6.36 -8.76 -6.78
N VAL F 68 -6.59 -8.79 -8.09
CA VAL F 68 -5.66 -8.15 -9.02
C VAL F 68 -5.54 -6.67 -8.71
N TYR F 69 -6.66 -6.02 -8.42
CA TYR F 69 -6.69 -4.62 -8.04
C TYR F 69 -5.90 -4.33 -6.78
N ALA F 70 -6.10 -5.13 -5.74
CA ALA F 70 -5.36 -4.95 -4.49
C ALA F 70 -3.87 -5.14 -4.69
N LEU F 71 -3.48 -6.14 -5.47
CA LEU F 71 -2.06 -6.35 -5.73
C LEU F 71 -1.47 -5.24 -6.58
N LYS F 72 -2.23 -4.70 -7.53
CA LYS F 72 -1.75 -3.56 -8.30
C LYS F 72 -1.56 -2.35 -7.41
N ARG F 73 -2.45 -2.18 -6.42
CA ARG F 73 -2.32 -1.04 -5.51
C ARG F 73 -1.00 -1.06 -4.76
N GLN F 74 -0.44 -2.24 -4.52
CA GLN F 74 0.85 -2.36 -3.84
C GLN F 74 2.02 -2.43 -4.80
N GLY F 75 1.78 -2.39 -6.11
CA GLY F 75 2.84 -2.46 -7.09
C GLY F 75 3.19 -3.85 -7.57
N ARG F 76 2.62 -4.90 -6.97
CA ARG F 76 2.90 -6.27 -7.38
C ARG F 76 1.79 -6.74 -8.31
N THR F 77 1.81 -6.24 -9.54
CA THR F 77 0.76 -6.52 -10.49
C THR F 77 0.82 -7.97 -10.97
N LEU F 78 -0.35 -8.58 -11.14
CA LEU F 78 -0.47 -9.88 -11.79
C LEU F 78 -0.88 -9.69 -13.24
N TYR F 79 -0.64 -10.74 -14.03
CA TYR F 79 -0.90 -10.72 -15.46
C TYR F 79 -1.63 -12.01 -15.83
N GLY F 80 -2.83 -11.87 -16.39
CA GLY F 80 -3.57 -13.02 -16.86
C GLY F 80 -4.94 -13.14 -16.24
N PHE F 81 -5.04 -12.86 -14.94
CA PHE F 81 -6.35 -12.87 -14.30
C PHE F 81 -7.16 -11.65 -14.67
N GLY F 82 -6.51 -10.56 -15.05
CA GLY F 82 -7.22 -9.36 -15.45
C GLY F 82 -8.06 -9.61 -16.69
N GLY F 83 -9.33 -9.22 -16.65
CA GLY F 83 -10.24 -9.44 -17.76
C GLY F 83 -11.28 -10.50 -17.46
N ALA G 1 -32.56 34.91 -3.01
CA ALA G 1 -31.16 34.59 -3.29
C ALA G 1 -30.25 35.18 -2.23
N ARG G 2 -29.85 36.43 -2.47
CA ARG G 2 -29.01 37.15 -1.52
C ARG G 2 -29.76 37.31 -0.20
N ALA G 3 -29.03 37.26 0.91
CA ALA G 3 -27.57 37.36 0.93
C ALA G 3 -26.94 36.55 2.06
N LYS G 4 -25.72 36.95 2.41
CA LYS G 4 -24.86 36.48 3.48
C LYS G 4 -24.10 35.20 3.14
N ALA G 5 -24.42 34.53 2.03
CA ALA G 5 -23.53 33.58 1.35
C ALA G 5 -22.67 32.78 2.32
N CYS G 6 -23.34 32.05 3.21
CA CYS G 6 -22.65 31.29 4.24
C CYS G 6 -21.64 30.34 3.61
N THR G 7 -20.40 30.38 4.10
CA THR G 7 -19.32 29.60 3.51
C THR G 7 -19.48 28.13 3.83
N ARG G 8 -19.19 27.28 2.85
CA ARG G 8 -19.35 25.85 3.02
C ARG G 8 -18.36 25.27 4.02
N SER G 9 -17.15 25.82 4.10
CA SER G 9 -16.22 25.38 5.13
C SER G 9 -16.79 25.62 6.52
N SER G 10 -17.46 26.75 6.72
CA SER G 10 -18.15 27.01 7.98
C SER G 10 -19.37 26.14 8.16
N ARG G 11 -20.10 25.84 7.08
CA ARG G 11 -21.22 24.91 7.19
C ARG G 11 -20.76 23.55 7.69
N ALA G 12 -19.61 23.08 7.22
CA ALA G 12 -19.05 21.83 7.67
C ALA G 12 -18.17 21.99 8.90
N GLY G 13 -18.00 23.21 9.39
CA GLY G 13 -17.14 23.43 10.53
C GLY G 13 -15.69 23.06 10.29
N LEU G 14 -15.20 23.27 9.08
CA LEU G 14 -13.82 22.99 8.73
C LEU G 14 -13.06 24.29 8.52
N GLN G 15 -11.76 24.17 8.30
CA GLN G 15 -10.92 25.34 8.13
C GLN G 15 -10.33 25.41 6.72
N PHE G 16 -10.46 24.35 5.92
CA PHE G 16 -9.94 24.24 4.57
C PHE G 16 -10.95 24.71 3.54
N PRO G 17 -10.48 25.13 2.36
CA PRO G 17 -11.39 25.70 1.35
C PRO G 17 -12.22 24.64 0.62
N VAL G 18 -13.36 24.27 1.19
CA VAL G 18 -14.24 23.32 0.53
C VAL G 18 -14.58 23.80 -0.87
N GLY G 19 -14.75 25.11 -1.05
CA GLY G 19 -15.05 25.62 -2.37
C GLY G 19 -13.94 25.35 -3.37
N ARG G 20 -12.68 25.43 -2.92
CA ARG G 20 -11.57 25.17 -3.83
C ARG G 20 -11.58 23.73 -4.33
N VAL G 21 -11.95 22.79 -3.46
CA VAL G 21 -11.77 21.38 -3.80
C VAL G 21 -12.62 20.99 -5.00
N HIS G 22 -13.84 21.54 -5.10
CA HIS G 22 -14.60 21.37 -6.34
C HIS G 22 -13.78 21.82 -7.54
N ARG G 23 -13.26 23.05 -7.50
CA ARG G 23 -12.48 23.53 -8.61
C ARG G 23 -11.25 22.68 -8.85
N LEU G 24 -10.70 22.07 -7.81
CA LEU G 24 -9.59 21.15 -7.96
C LEU G 24 -10.02 19.74 -8.31
N LEU G 25 -11.31 19.43 -8.21
CA LEU G 25 -11.79 18.12 -8.64
C LEU G 25 -12.41 18.16 -10.03
N ARG G 26 -13.25 19.15 -10.30
CA ARG G 26 -13.89 19.23 -11.62
C ARG G 26 -12.85 19.41 -12.71
N LYS G 27 -11.88 20.29 -12.49
CA LYS G 27 -10.83 20.50 -13.48
C LYS G 27 -9.68 19.52 -13.34
N GLY G 28 -9.73 18.63 -12.36
CA GLY G 28 -8.69 17.64 -12.19
C GLY G 28 -8.83 16.42 -13.07
N HIS G 29 -9.90 16.33 -13.86
CA HIS G 29 -10.15 15.20 -14.75
C HIS G 29 -10.15 13.88 -13.99
N TYR G 30 -11.12 13.76 -13.08
CA TYR G 30 -11.27 12.55 -12.29
C TYR G 30 -12.57 11.81 -12.57
N SER G 31 -13.62 12.52 -12.98
CA SER G 31 -14.88 11.89 -13.37
C SER G 31 -15.74 12.94 -14.06
N GLU G 32 -16.82 12.47 -14.69
CA GLU G 32 -17.78 13.41 -15.27
C GLU G 32 -18.42 14.27 -14.20
N ARG G 33 -18.80 13.66 -13.08
CA ARG G 33 -19.56 14.33 -12.04
C ARG G 33 -18.85 14.17 -10.70
N VAL G 34 -19.04 15.17 -9.84
CA VAL G 34 -18.51 15.14 -8.48
C VAL G 34 -19.67 15.34 -7.51
N GLY G 35 -19.76 14.47 -6.53
CA GLY G 35 -20.84 14.56 -5.56
C GLY G 35 -20.69 15.77 -4.65
N ALA G 36 -21.81 16.13 -4.02
CA ALA G 36 -21.80 17.29 -3.14
C ALA G 36 -20.92 17.04 -1.91
N GLY G 37 -20.96 15.85 -1.35
CA GLY G 37 -20.23 15.56 -0.14
C GLY G 37 -18.77 15.21 -0.34
N ALA G 38 -18.32 14.95 -1.56
CA ALA G 38 -16.94 14.58 -1.80
C ALA G 38 -15.96 15.68 -1.42
N PRO G 39 -16.16 16.93 -1.86
CA PRO G 39 -15.24 17.99 -1.42
C PRO G 39 -15.25 18.19 0.07
N VAL G 40 -16.41 18.11 0.71
CA VAL G 40 -16.47 18.25 2.16
C VAL G 40 -15.68 17.14 2.82
N TYR G 41 -15.79 15.92 2.33
CA TYR G 41 -15.07 14.80 2.91
C TYR G 41 -13.56 14.97 2.73
N LEU G 42 -13.12 15.41 1.55
CA LEU G 42 -11.68 15.66 1.36
C LEU G 42 -11.18 16.75 2.28
N ALA G 43 -11.94 17.84 2.43
CA ALA G 43 -11.50 18.92 3.27
C ALA G 43 -11.39 18.50 4.73
N ALA G 44 -12.04 17.42 5.12
CA ALA G 44 -11.90 16.92 6.48
C ALA G 44 -10.64 16.09 6.65
N VAL G 45 -10.39 15.15 5.73
CA VAL G 45 -9.20 14.31 5.88
C VAL G 45 -7.93 15.12 5.68
N LEU G 46 -7.94 16.08 4.76
CA LEU G 46 -6.76 16.91 4.59
C LEU G 46 -6.49 17.75 5.83
N GLU G 47 -7.55 18.32 6.41
CA GLU G 47 -7.39 19.09 7.64
C GLU G 47 -6.87 18.22 8.77
N TYR G 48 -7.41 17.01 8.90
CA TYR G 48 -6.93 16.12 9.94
C TYR G 48 -5.46 15.75 9.75
N LEU G 49 -5.06 15.42 8.53
CA LEU G 49 -3.67 15.07 8.30
C LEU G 49 -2.73 16.23 8.56
N THR G 50 -3.09 17.43 8.12
CA THR G 50 -2.24 18.59 8.42
C THR G 50 -2.17 18.85 9.92
N ALA G 51 -3.30 18.80 10.62
CA ALA G 51 -3.31 19.08 12.04
C ALA G 51 -2.57 18.03 12.84
N GLU G 52 -2.53 16.78 12.38
CA GLU G 52 -1.77 15.77 13.07
C GLU G 52 -0.27 15.93 12.90
N ILE G 53 0.19 16.32 11.71
CA ILE G 53 1.60 16.60 11.54
C ILE G 53 2.00 17.84 12.34
N LEU G 54 1.18 18.87 12.30
CA LEU G 54 1.52 20.09 13.03
C LEU G 54 1.53 19.88 14.54
N GLU G 55 0.65 19.03 15.06
CA GLU G 55 0.66 18.76 16.49
C GLU G 55 1.97 18.15 16.96
N LEU G 56 2.56 17.24 16.18
CA LEU G 56 3.85 16.67 16.52
C LEU G 56 5.01 17.60 16.19
N ALA G 57 4.88 18.40 15.13
CA ALA G 57 5.93 19.34 14.80
C ALA G 57 6.08 20.41 15.87
N GLY G 58 4.96 20.88 16.42
CA GLY G 58 5.04 21.83 17.52
C GLY G 58 5.72 21.24 18.73
N ASN G 59 5.41 20.00 19.08
CA ASN G 59 6.09 19.33 20.18
C ASN G 59 7.57 19.16 19.91
N ALA G 60 7.95 18.80 18.69
CA ALA G 60 9.36 18.69 18.35
C ALA G 60 10.07 20.04 18.46
N ALA G 61 9.44 21.12 17.98
CA ALA G 61 10.04 22.44 18.07
C ALA G 61 10.17 22.89 19.52
N ARG G 62 9.20 22.55 20.36
CA ARG G 62 9.29 22.88 21.78
C ARG G 62 10.49 22.22 22.43
N ASP G 63 10.85 21.02 21.97
CA ASP G 63 11.99 20.30 22.54
C ASP G 63 13.33 20.96 22.22
N ASN G 64 13.38 21.81 21.20
CA ASN G 64 14.58 22.59 20.90
C ASN G 64 14.49 24.01 21.42
N LYS G 65 13.43 24.34 22.15
CA LYS G 65 13.20 25.68 22.69
C LYS G 65 13.11 26.72 21.57
N LYS G 66 12.55 26.30 20.44
CA LYS G 66 12.25 27.20 19.33
C LYS G 66 10.75 27.42 19.24
N THR G 67 10.37 28.48 18.52
CA THR G 67 8.97 28.80 18.34
C THR G 67 8.50 28.66 16.90
N ARG G 68 9.41 28.67 15.93
CA ARG G 68 9.05 28.50 14.53
C ARG G 68 9.42 27.09 14.09
N ILE G 69 8.48 26.42 13.43
CA ILE G 69 8.69 25.04 13.00
C ILE G 69 9.57 25.05 11.76
N ILE G 70 10.83 24.70 11.91
CA ILE G 70 11.78 24.60 10.81
C ILE G 70 11.56 23.24 10.15
N PRO G 71 11.85 23.07 8.86
CA PRO G 71 11.71 21.74 8.24
C PRO G 71 12.36 20.61 9.01
N ARG G 72 13.38 20.88 9.82
CA ARG G 72 13.97 19.80 10.62
C ARG G 72 12.93 19.19 11.55
N HIS G 73 12.16 20.02 12.24
CA HIS G 73 11.11 19.51 13.11
C HIS G 73 10.06 18.72 12.36
N LEU G 74 9.75 19.10 11.12
CA LEU G 74 8.76 18.35 10.36
C LEU G 74 9.19 16.90 10.18
N GLN G 75 10.41 16.68 9.68
CA GLN G 75 10.83 15.31 9.47
C GLN G 75 11.09 14.59 10.77
N LEU G 76 11.53 15.29 11.81
CA LEU G 76 11.60 14.66 13.12
C LEU G 76 10.25 14.17 13.59
N ALA G 77 9.17 14.88 13.26
CA ALA G 77 7.84 14.42 13.61
C ALA G 77 7.41 13.25 12.73
N ILE G 78 7.65 13.34 11.43
CA ILE G 78 7.20 12.29 10.53
C ILE G 78 7.91 10.97 10.81
N ARG G 79 9.21 10.98 11.00
CA ARG G 79 9.97 9.75 11.10
C ARG G 79 9.90 9.12 12.47
N ASN G 80 9.22 9.76 13.42
CA ASN G 80 9.01 9.19 14.75
C ASN G 80 7.70 8.42 14.84
N ASP G 81 6.60 9.01 14.40
CA ASP G 81 5.32 8.32 14.37
C ASP G 81 5.34 7.30 13.23
N GLU G 82 5.46 6.02 13.57
CA GLU G 82 5.58 4.99 12.56
C GLU G 82 4.36 4.92 11.65
N GLU G 83 3.18 5.25 12.16
CA GLU G 83 1.98 5.22 11.33
C GLU G 83 1.99 6.34 10.29
N LEU G 84 2.74 7.41 10.53
CA LEU G 84 3.03 8.39 9.49
C LEU G 84 4.25 8.03 8.68
N ASN G 85 5.20 7.30 9.26
CA ASN G 85 6.32 6.79 8.48
C ASN G 85 5.84 5.91 7.34
N LYS G 86 4.86 5.07 7.61
CA LYS G 86 4.29 4.24 6.55
C LYS G 86 3.66 5.11 5.47
N LEU G 87 2.99 6.18 5.87
CA LEU G 87 2.37 7.08 4.90
C LEU G 87 3.42 7.75 4.01
N LEU G 88 4.52 8.19 4.61
CA LEU G 88 5.50 8.96 3.86
C LEU G 88 6.83 8.23 3.78
N GLY G 89 6.78 6.93 3.49
CA GLY G 89 8.02 6.16 3.35
C GLY G 89 8.88 6.62 2.19
N GLY G 90 8.26 6.91 1.05
CA GLY G 90 9.01 7.28 -0.12
C GLY G 90 9.04 8.79 -0.34
N VAL G 91 9.16 9.55 0.74
CA VAL G 91 9.12 11.00 0.68
C VAL G 91 10.38 11.55 1.32
N THR G 92 11.06 12.45 0.63
CA THR G 92 12.23 13.13 1.15
C THR G 92 11.90 14.59 1.41
N ILE G 93 12.36 15.10 2.55
CA ILE G 93 12.07 16.45 2.99
C ILE G 93 13.34 17.28 2.84
N ALA G 94 13.23 18.40 2.12
CA ALA G 94 14.39 19.25 1.90
C ALA G 94 14.89 19.84 3.21
N GLN G 95 16.21 19.80 3.41
CA GLN G 95 16.86 20.30 4.63
C GLN G 95 16.33 19.63 5.89
N GLY G 96 15.74 18.45 5.75
CA GLY G 96 15.14 17.78 6.89
C GLY G 96 16.11 17.06 7.79
N GLY G 97 17.17 16.52 7.22
CA GLY G 97 18.13 15.77 8.00
C GLY G 97 17.75 14.30 8.16
N VAL G 98 18.32 13.65 9.16
CA VAL G 98 18.08 12.23 9.41
C VAL G 98 17.93 12.03 10.92
N LEU G 99 17.09 11.08 11.30
CA LEU G 99 17.00 10.70 12.71
C LEU G 99 18.36 10.21 13.20
N PRO G 100 18.78 10.58 14.41
CA PRO G 100 20.04 10.06 14.95
C PRO G 100 19.84 8.64 15.46
N ASN G 101 20.58 7.69 14.89
CA ASN G 101 20.52 6.30 15.34
C ASN G 101 21.90 5.68 15.15
N ILE G 102 22.33 4.91 16.15
CA ILE G 102 23.62 4.23 16.12
C ILE G 102 23.40 2.77 16.46
N GLN G 103 23.96 1.88 15.64
CA GLN G 103 23.92 0.45 15.94
C GLN G 103 24.77 0.16 17.16
N ALA G 104 24.28 -0.73 18.02
CA ALA G 104 24.97 -1.04 19.26
C ALA G 104 26.34 -1.67 19.03
N VAL G 105 26.53 -2.39 17.93
CA VAL G 105 27.84 -2.96 17.65
C VAL G 105 28.85 -1.85 17.33
N LEU G 106 28.41 -0.78 16.68
CA LEU G 106 29.29 0.35 16.39
C LEU G 106 29.65 1.17 17.63
N LEU G 107 28.80 1.16 18.65
CA LEU G 107 29.09 1.91 19.85
C LEU G 107 30.33 1.38 20.54
N PRO G 108 31.12 2.25 21.17
CA PRO G 108 32.34 1.80 21.84
C PRO G 108 32.01 0.91 23.02
N LYS G 109 32.94 -0.01 23.30
CA LYS G 109 32.79 -0.96 24.39
C LYS G 109 33.99 -0.83 25.32
N LYS G 110 33.74 -0.70 26.61
CA LYS G 110 34.79 -0.54 27.60
C LYS G 110 34.94 -1.74 28.52
N THR G 111 34.12 -2.77 28.35
CA THR G 111 34.21 -3.96 29.20
C THR G 111 35.44 -4.77 28.89
N LYS H 2 2.37 40.81 -13.44
CA LYS H 2 2.23 40.99 -12.00
C LYS H 2 0.85 40.55 -11.53
N ARG H 3 -0.10 40.46 -12.48
CA ARG H 3 -1.46 40.06 -12.17
C ARG H 3 -1.64 38.56 -12.11
N SER H 4 -0.60 37.78 -12.38
CA SER H 4 -0.68 36.32 -12.34
C SER H 4 -0.82 35.87 -10.89
N ARG H 5 -2.03 35.44 -10.52
CA ARG H 5 -2.31 35.03 -9.16
C ARG H 5 -1.89 33.58 -8.94
N LYS H 6 -1.32 33.33 -7.77
CA LYS H 6 -0.82 31.99 -7.41
C LYS H 6 -1.59 31.49 -6.21
N GLU H 7 -2.26 30.36 -6.36
CA GLU H 7 -3.02 29.79 -5.25
C GLU H 7 -2.15 28.82 -4.45
N SER H 8 -2.48 28.69 -3.18
CA SER H 8 -1.75 27.82 -2.28
C SER H 8 -2.62 27.57 -1.06
N TYR H 9 -2.09 26.76 -0.13
CA TYR H 9 -2.77 26.47 1.13
C TYR H 9 -2.12 27.18 2.30
N SER H 10 -1.48 28.32 2.04
CA SER H 10 -0.72 29.00 3.09
C SER H 10 -1.62 29.48 4.21
N VAL H 11 -2.70 30.19 3.87
CA VAL H 11 -3.53 30.80 4.90
C VAL H 11 -4.18 29.74 5.78
N TYR H 12 -4.57 28.61 5.18
CA TYR H 12 -5.21 27.57 5.95
C TYR H 12 -4.26 26.86 6.90
N VAL H 13 -2.97 26.76 6.54
CA VAL H 13 -2.03 26.09 7.42
C VAL H 13 -1.78 26.92 8.67
N TYR H 14 -1.62 28.24 8.51
CA TYR H 14 -1.60 29.10 9.69
C TYR H 14 -2.86 28.91 10.52
N LYS H 15 -4.01 28.95 9.87
CA LYS H 15 -5.27 29.02 10.59
C LYS H 15 -5.56 27.72 11.32
N VAL H 16 -5.15 26.59 10.76
CA VAL H 16 -5.27 25.33 11.50
C VAL H 16 -4.22 25.28 12.61
N LEU H 17 -3.06 25.88 12.39
CA LEU H 17 -2.00 25.85 13.41
C LEU H 17 -2.45 26.55 14.68
N LYS H 18 -3.09 27.70 14.54
CA LYS H 18 -3.45 28.49 15.71
C LYS H 18 -4.39 27.75 16.64
N GLN H 19 -5.09 26.73 16.14
CA GLN H 19 -5.90 25.90 17.02
C GLN H 19 -5.06 24.90 17.79
N VAL H 20 -4.24 24.14 17.08
CA VAL H 20 -3.43 23.11 17.73
C VAL H 20 -2.33 23.73 18.58
N HIS H 21 -1.70 24.79 18.08
CA HIS H 21 -0.67 25.52 18.81
C HIS H 21 -0.92 27.01 18.67
N PRO H 22 -1.52 27.67 19.68
CA PRO H 22 -1.83 29.09 19.57
C PRO H 22 -0.64 30.02 19.72
N ASP H 23 0.59 29.51 19.72
CA ASP H 23 1.76 30.33 19.98
C ASP H 23 2.88 30.17 18.97
N THR H 24 3.00 29.02 18.33
CA THR H 24 4.13 28.75 17.45
C THR H 24 3.93 29.41 16.09
N GLY H 25 4.89 29.21 15.20
CA GLY H 25 4.84 29.77 13.87
C GLY H 25 5.53 28.85 12.88
N ILE H 26 5.40 29.18 11.61
CA ILE H 26 5.91 28.35 10.52
C ILE H 26 6.86 29.19 9.68
N SER H 27 8.05 28.65 9.42
CA SER H 27 8.95 29.29 8.48
C SER H 27 8.42 29.09 7.05
N SER H 28 8.91 29.93 6.14
CA SER H 28 8.50 29.82 4.75
C SER H 28 8.86 28.49 4.13
N LYS H 29 10.02 27.93 4.48
CA LYS H 29 10.42 26.63 3.97
C LYS H 29 9.47 25.52 4.40
N ALA H 30 9.02 25.53 5.65
CA ALA H 30 8.04 24.55 6.10
C ALA H 30 6.65 24.81 5.54
N MET H 31 6.28 26.06 5.33
CA MET H 31 5.03 26.35 4.65
C MET H 31 5.04 25.78 3.25
N GLY H 32 6.16 25.93 2.54
CA GLY H 32 6.29 25.30 1.23
C GLY H 32 6.21 23.79 1.30
N ILE H 33 6.69 23.18 2.38
CA ILE H 33 6.62 21.75 2.53
C ILE H 33 5.18 21.30 2.72
N MET H 34 4.44 22.00 3.58
CA MET H 34 3.01 21.71 3.71
C MET H 34 2.24 21.94 2.43
N ASN H 35 2.61 22.96 1.65
CA ASN H 35 1.92 23.20 0.39
C ASN H 35 2.05 21.98 -0.52
N SER H 36 3.23 21.39 -0.58
CA SER H 36 3.44 20.17 -1.35
C SER H 36 2.76 18.96 -0.72
N PHE H 37 2.76 18.86 0.61
CA PHE H 37 2.12 17.72 1.25
C PHE H 37 0.63 17.66 0.96
N VAL H 38 -0.05 18.81 1.09
CA VAL H 38 -1.48 18.84 0.83
C VAL H 38 -1.75 18.43 -0.61
N ASN H 39 -0.98 18.96 -1.55
CA ASN H 39 -1.16 18.60 -2.95
C ASN H 39 -0.86 17.14 -3.22
N ASP H 40 0.11 16.55 -2.54
CA ASP H 40 0.43 15.15 -2.72
C ASP H 40 -0.70 14.26 -2.22
N ILE H 41 -1.17 14.48 -1.00
CA ILE H 41 -2.26 13.67 -0.48
C ILE H 41 -3.54 13.86 -1.28
N PHE H 42 -3.84 15.10 -1.67
CA PHE H 42 -5.03 15.34 -2.47
C PHE H 42 -5.00 14.57 -3.77
N GLU H 43 -3.87 14.63 -4.49
CA GLU H 43 -3.74 13.87 -5.72
C GLU H 43 -3.81 12.37 -5.51
N ARG H 44 -3.16 11.85 -4.46
CA ARG H 44 -3.27 10.42 -4.20
C ARG H 44 -4.72 9.99 -4.02
N ILE H 45 -5.43 10.68 -3.13
CA ILE H 45 -6.79 10.26 -2.81
C ILE H 45 -7.71 10.47 -4.01
N ALA H 46 -7.53 11.57 -4.73
CA ALA H 46 -8.33 11.83 -5.92
C ALA H 46 -8.10 10.79 -7.00
N GLY H 47 -6.85 10.38 -7.22
CA GLY H 47 -6.61 9.32 -8.18
C GLY H 47 -7.24 8.00 -7.77
N GLU H 48 -7.14 7.67 -6.48
CA GLU H 48 -7.79 6.45 -6.00
C GLU H 48 -9.29 6.49 -6.23
N ALA H 49 -9.93 7.61 -5.88
CA ALA H 49 -11.37 7.73 -6.10
C ALA H 49 -11.73 7.70 -7.58
N SER H 50 -10.95 8.37 -8.42
CA SER H 50 -11.24 8.36 -9.85
C SER H 50 -11.16 6.95 -10.41
N ARG H 51 -10.19 6.17 -9.97
CA ARG H 51 -10.19 4.77 -10.38
C ARG H 51 -11.42 4.05 -9.83
N LEU H 52 -11.71 4.21 -8.54
CA LEU H 52 -12.84 3.50 -7.94
C LEU H 52 -14.14 3.78 -8.67
N ALA H 53 -14.29 4.97 -9.24
CA ALA H 53 -15.50 5.26 -10.01
C ALA H 53 -15.65 4.32 -11.20
N HIS H 54 -14.60 4.20 -12.02
CA HIS H 54 -14.63 3.29 -13.16
C HIS H 54 -14.52 1.84 -12.72
N TYR H 55 -13.88 1.61 -11.58
CA TYR H 55 -13.69 0.27 -11.07
C TYR H 55 -15.03 -0.39 -10.77
N ASN H 56 -16.05 0.40 -10.52
CA ASN H 56 -17.42 -0.06 -10.38
C ASN H 56 -18.35 0.52 -11.44
N LYS H 57 -17.81 0.97 -12.57
CA LYS H 57 -18.54 1.49 -13.72
C LYS H 57 -19.42 2.69 -13.39
N ARG H 58 -19.18 3.37 -12.28
CA ARG H 58 -19.92 4.58 -11.96
C ARG H 58 -19.18 5.80 -12.48
N SER H 59 -19.91 6.90 -12.60
CA SER H 59 -19.38 8.09 -13.26
C SER H 59 -19.47 9.34 -12.38
N THR H 60 -19.75 9.17 -11.09
CA THR H 60 -19.79 10.28 -10.16
C THR H 60 -18.87 9.99 -8.99
N ILE H 61 -18.18 11.03 -8.50
CA ILE H 61 -17.34 10.88 -7.33
C ILE H 61 -18.12 11.39 -6.12
N THR H 62 -18.55 10.47 -5.28
CA THR H 62 -19.30 10.79 -4.08
C THR H 62 -18.42 10.58 -2.86
N SER H 63 -18.95 10.95 -1.70
CA SER H 63 -18.22 10.77 -0.45
C SER H 63 -17.99 9.32 -0.09
N ARG H 64 -18.83 8.41 -0.59
CA ARG H 64 -18.70 7.01 -0.21
C ARG H 64 -17.35 6.42 -0.61
N GLU H 65 -16.91 6.63 -1.85
CA GLU H 65 -15.60 6.13 -2.24
C GLU H 65 -14.44 6.95 -1.73
N ILE H 66 -14.63 8.24 -1.44
CA ILE H 66 -13.60 8.96 -0.71
C ILE H 66 -13.37 8.31 0.65
N GLN H 67 -14.43 7.95 1.36
CA GLN H 67 -14.28 7.16 2.57
C GLN H 67 -13.57 5.85 2.25
N THR H 68 -13.97 5.18 1.17
CA THR H 68 -13.29 3.95 0.79
C THR H 68 -11.84 4.20 0.42
N ALA H 69 -11.56 5.25 -0.35
CA ALA H 69 -10.19 5.51 -0.78
C ALA H 69 -9.28 5.77 0.41
N VAL H 70 -9.76 6.52 1.40
CA VAL H 70 -8.94 6.78 2.57
C VAL H 70 -8.55 5.49 3.26
N ARG H 71 -9.47 4.53 3.33
CA ARG H 71 -9.15 3.26 3.96
C ARG H 71 -8.12 2.45 3.20
N LEU H 72 -7.81 2.83 1.95
CA LEU H 72 -6.80 2.13 1.18
C LEU H 72 -5.42 2.76 1.30
N LEU H 73 -5.34 4.05 1.59
CA LEU H 73 -4.06 4.76 1.62
C LEU H 73 -3.57 4.98 3.04
N LEU H 74 -4.37 5.60 3.88
CA LEU H 74 -3.90 5.87 5.22
C LEU H 74 -3.81 4.58 6.01
N PRO H 75 -2.62 4.23 6.51
CA PRO H 75 -2.44 2.94 7.18
C PRO H 75 -2.95 2.96 8.61
N GLY H 76 -3.29 1.76 9.09
CA GLY H 76 -3.65 1.56 10.47
C GLY H 76 -4.84 2.38 10.93
N GLU H 77 -4.74 2.95 12.13
CA GLU H 77 -5.82 3.68 12.75
C GLU H 77 -5.87 5.16 12.37
N LEU H 78 -4.86 5.67 11.66
CA LEU H 78 -5.07 6.93 10.96
C LEU H 78 -6.25 6.85 10.03
N ALA H 79 -6.48 5.69 9.42
CA ALA H 79 -7.67 5.53 8.59
C ALA H 79 -8.94 5.71 9.42
N LYS H 80 -8.98 5.12 10.61
CA LYS H 80 -10.15 5.24 11.46
C LYS H 80 -10.39 6.69 11.84
N HIS H 81 -9.33 7.40 12.23
CA HIS H 81 -9.52 8.79 12.61
C HIS H 81 -9.86 9.68 11.43
N ALA H 82 -9.29 9.42 10.26
CA ALA H 82 -9.64 10.20 9.09
C ALA H 82 -11.09 9.98 8.68
N VAL H 83 -11.56 8.74 8.69
CA VAL H 83 -12.96 8.51 8.39
C VAL H 83 -13.85 9.13 9.45
N SER H 84 -13.40 9.13 10.71
CA SER H 84 -14.12 9.84 11.76
C SER H 84 -14.33 11.30 11.38
N GLU H 85 -13.24 11.97 11.03
CA GLU H 85 -13.33 13.38 10.67
C GLU H 85 -14.16 13.60 9.43
N GLY H 86 -14.06 12.70 8.44
CA GLY H 86 -14.84 12.85 7.23
C GLY H 86 -16.33 12.77 7.47
N THR H 87 -16.78 11.74 8.18
CA THR H 87 -18.19 11.65 8.50
C THR H 87 -18.65 12.77 9.41
N LYS H 88 -17.84 13.14 10.41
CA LYS H 88 -18.21 14.24 11.29
C LYS H 88 -18.44 15.52 10.48
N ALA H 89 -17.53 15.83 9.57
CA ALA H 89 -17.69 17.02 8.76
C ALA H 89 -18.87 16.93 7.80
N VAL H 90 -19.07 15.80 7.15
CA VAL H 90 -20.12 15.74 6.14
C VAL H 90 -21.50 15.78 6.79
N THR H 91 -21.66 15.16 7.96
CA THR H 91 -22.97 15.20 8.61
C THR H 91 -23.38 16.63 8.96
N LYS H 92 -22.45 17.42 9.50
CA LYS H 92 -22.79 18.81 9.79
C LYS H 92 -23.15 19.58 8.52
N TYR H 93 -22.44 19.32 7.43
CA TYR H 93 -22.75 20.00 6.19
C TYR H 93 -24.14 19.64 5.68
N THR H 94 -24.52 18.36 5.76
CA THR H 94 -25.83 17.95 5.32
C THR H 94 -26.95 18.52 6.18
N SER H 95 -26.69 18.74 7.48
CA SER H 95 -27.72 19.32 8.34
C SER H 95 -28.10 20.71 7.86
N ALA H 96 -27.10 21.54 7.55
CA ALA H 96 -27.35 22.91 7.12
C ALA H 96 -27.99 22.93 5.74
N MET K 1 -38.24 5.76 29.67
CA MET K 1 -37.20 5.18 28.83
C MET K 1 -35.82 5.69 29.20
N GLN K 2 -34.84 4.78 29.19
CA GLN K 2 -33.46 5.12 29.48
C GLN K 2 -32.67 5.09 28.18
N ILE K 3 -32.62 6.25 27.51
CA ILE K 3 -31.87 6.41 26.27
C ILE K 3 -30.88 7.55 26.47
N PHE K 4 -29.65 7.34 25.99
CA PHE K 4 -28.61 8.36 26.06
C PHE K 4 -28.34 8.88 24.66
N VAL K 5 -28.10 10.18 24.56
CA VAL K 5 -27.86 10.84 23.28
C VAL K 5 -26.37 11.16 23.17
N LYS K 6 -25.78 10.78 22.05
CA LYS K 6 -24.38 11.04 21.76
C LYS K 6 -24.22 12.42 21.13
N THR K 7 -23.03 12.97 21.26
CA THR K 7 -22.71 14.23 20.62
C THR K 7 -21.59 14.00 19.61
N LEU K 8 -21.18 15.06 18.91
CA LEU K 8 -20.11 14.95 17.92
C LEU K 8 -18.73 15.06 18.56
N THR K 9 -18.66 15.22 19.87
CA THR K 9 -17.39 15.25 20.59
C THR K 9 -17.19 14.08 21.52
N GLY K 10 -18.26 13.44 21.99
CA GLY K 10 -18.14 12.30 22.88
C GLY K 10 -18.80 12.48 24.23
N LYS K 11 -19.84 13.32 24.28
CA LYS K 11 -20.55 13.59 25.52
C LYS K 11 -21.85 12.79 25.55
N THR K 12 -22.05 12.04 26.63
CA THR K 12 -23.26 11.23 26.78
C THR K 12 -24.27 11.99 27.64
N ILE K 13 -25.50 12.07 27.15
CA ILE K 13 -26.58 12.72 27.86
C ILE K 13 -27.78 11.78 27.81
N THR K 14 -28.17 11.25 28.96
CA THR K 14 -29.36 10.40 29.02
C THR K 14 -30.61 11.26 29.02
N LEU K 15 -31.68 10.73 28.45
CA LEU K 15 -32.96 11.42 28.40
C LEU K 15 -34.06 10.46 28.84
N GLU K 16 -34.95 10.96 29.71
CA GLU K 16 -36.05 10.15 30.24
C GLU K 16 -37.32 10.56 29.52
N VAL K 17 -37.48 10.02 28.31
CA VAL K 17 -38.65 10.26 27.48
C VAL K 17 -39.19 8.91 27.02
N GLU K 18 -40.43 8.62 27.41
CA GLU K 18 -40.97 7.28 27.20
C GLU K 18 -41.16 7.01 25.71
N PRO K 19 -41.17 5.73 25.29
CA PRO K 19 -41.07 5.40 23.86
C PRO K 19 -42.24 5.86 22.99
N SER K 20 -43.29 6.43 23.58
CA SER K 20 -44.45 6.83 22.79
C SER K 20 -44.57 8.35 22.68
N ASP K 21 -43.54 9.09 23.09
CA ASP K 21 -43.59 10.54 23.00
C ASP K 21 -43.11 11.03 21.64
N THR K 22 -43.42 12.29 21.34
CA THR K 22 -42.91 12.96 20.16
C THR K 22 -41.55 13.58 20.48
N ILE K 23 -41.09 14.47 19.58
CA ILE K 23 -39.76 15.05 19.73
C ILE K 23 -39.78 16.43 20.37
N GLU K 24 -40.93 17.09 20.45
CA GLU K 24 -40.98 18.39 21.12
C GLU K 24 -40.54 18.27 22.58
N ASN K 25 -41.07 17.29 23.30
CA ASN K 25 -40.62 17.12 24.67
C ASN K 25 -39.20 16.57 24.76
N VAL K 26 -38.75 15.82 23.75
CA VAL K 26 -37.36 15.37 23.73
C VAL K 26 -36.41 16.57 23.67
N LYS K 27 -36.66 17.47 22.72
CA LYS K 27 -35.83 18.67 22.63
C LYS K 27 -36.01 19.60 23.81
N ALA K 28 -37.20 19.67 24.40
CA ALA K 28 -37.37 20.44 25.63
C ALA K 28 -36.55 19.87 26.77
N LYS K 29 -36.50 18.53 26.89
CA LYS K 29 -35.66 17.88 27.87
C LYS K 29 -34.18 18.06 27.52
N ILE K 30 -33.88 18.36 26.26
CA ILE K 30 -32.52 18.76 25.90
C ILE K 30 -32.21 20.16 26.43
N GLN K 31 -33.13 21.12 26.21
CA GLN K 31 -32.87 22.48 26.68
C GLN K 31 -32.78 22.54 28.20
N ASP K 32 -33.73 21.94 28.90
CA ASP K 32 -33.76 22.10 30.36
C ASP K 32 -32.57 21.42 31.03
N LYS K 33 -31.84 20.59 30.30
CA LYS K 33 -30.63 19.96 30.82
C LYS K 33 -29.36 20.66 30.35
N GLU K 34 -29.36 21.20 29.13
CA GLU K 34 -28.19 21.88 28.59
C GLU K 34 -28.43 23.34 28.25
N GLY K 35 -29.59 23.67 27.67
CA GLY K 35 -29.88 25.04 27.31
C GLY K 35 -29.40 25.42 25.92
N ILE K 36 -29.79 24.63 24.92
CA ILE K 36 -29.43 24.92 23.54
C ILE K 36 -30.71 25.17 22.74
N PRO K 37 -30.84 26.30 22.07
CA PRO K 37 -32.11 26.64 21.41
C PRO K 37 -32.41 25.66 20.28
N PRO K 38 -33.69 25.55 19.88
CA PRO K 38 -34.05 24.60 18.82
C PRO K 38 -33.31 24.82 17.51
N ASP K 39 -33.03 26.07 17.15
CA ASP K 39 -32.32 26.33 15.90
C ASP K 39 -30.90 25.77 15.94
N GLN K 40 -30.32 25.67 17.14
CA GLN K 40 -28.93 25.28 17.31
C GLN K 40 -28.76 23.80 17.62
N GLN K 41 -29.76 22.96 17.33
CA GLN K 41 -29.62 21.54 17.58
C GLN K 41 -30.61 20.76 16.73
N ARG K 42 -30.20 19.59 16.27
CA ARG K 42 -31.06 18.66 15.54
C ARG K 42 -30.69 17.25 15.93
N LEU K 43 -31.62 16.32 15.75
CA LEU K 43 -31.45 14.95 16.19
C LEU K 43 -31.48 14.01 14.99
N ILE K 44 -30.51 13.11 14.93
CA ILE K 44 -30.40 12.14 13.84
C ILE K 44 -30.31 10.75 14.44
N PHE K 45 -31.12 9.82 13.92
CA PHE K 45 -31.10 8.42 14.32
C PHE K 45 -30.88 7.56 13.09
N ALA K 46 -29.87 6.69 13.15
CA ALA K 46 -29.59 5.71 12.10
C ALA K 46 -29.41 6.37 10.73
N GLY K 47 -28.88 7.60 10.73
CA GLY K 47 -28.55 8.32 9.53
C GLY K 47 -29.68 9.17 8.97
N LYS K 48 -30.91 8.94 9.44
CA LYS K 48 -32.06 9.66 8.94
C LYS K 48 -32.48 10.75 9.93
N GLN K 49 -33.04 11.83 9.40
CA GLN K 49 -33.48 12.95 10.22
C GLN K 49 -34.66 12.53 11.09
N LEU K 50 -35.02 13.39 12.04
CA LEU K 50 -36.13 13.15 12.94
C LEU K 50 -37.10 14.32 12.89
N GLU K 51 -38.36 14.02 12.60
CA GLU K 51 -39.40 15.04 12.59
C GLU K 51 -39.86 15.34 14.01
N ASP K 52 -40.09 16.62 14.28
CA ASP K 52 -40.34 17.07 15.65
C ASP K 52 -41.63 16.52 16.25
N GLY K 53 -42.65 16.23 15.45
CA GLY K 53 -43.90 15.72 15.99
C GLY K 53 -44.01 14.22 15.89
N ARG K 54 -42.99 13.59 15.32
CA ARG K 54 -43.04 12.15 15.09
C ARG K 54 -42.79 11.40 16.40
N THR K 55 -43.53 10.32 16.58
CA THR K 55 -43.47 9.51 17.80
C THR K 55 -42.23 8.63 17.81
N LEU K 56 -41.70 8.40 19.01
CA LEU K 56 -40.50 7.59 19.20
C LEU K 56 -40.70 6.11 18.92
N SER K 57 -41.93 5.60 19.07
CA SER K 57 -42.17 4.18 18.85
C SER K 57 -42.21 3.81 17.38
N ASP K 58 -42.31 4.78 16.48
CA ASP K 58 -42.35 4.48 15.05
C ASP K 58 -40.97 4.07 14.55
N TYR K 59 -39.91 4.53 15.21
CA TYR K 59 -38.54 4.13 14.88
C TYR K 59 -38.07 2.97 15.75
N ASN K 60 -39.02 2.14 16.21
CA ASN K 60 -38.79 0.94 17.02
C ASN K 60 -37.64 1.10 17.99
N ILE K 61 -37.60 2.22 18.70
CA ILE K 61 -36.51 2.54 19.61
C ILE K 61 -36.57 1.62 20.81
N GLN K 62 -35.45 1.01 21.15
CA GLN K 62 -35.35 0.07 22.25
C GLN K 62 -34.53 0.64 23.39
N LYS K 63 -34.42 -0.13 24.46
CA LYS K 63 -33.72 0.32 25.66
C LYS K 63 -32.25 0.57 25.36
N GLU K 64 -31.68 1.60 26.00
CA GLU K 64 -30.25 1.91 25.90
C GLU K 64 -29.82 2.11 24.46
N SER K 65 -30.65 2.79 23.67
CA SER K 65 -30.38 3.04 22.26
C SER K 65 -29.67 4.37 22.09
N THR K 66 -28.61 4.37 21.29
CA THR K 66 -27.83 5.58 21.07
C THR K 66 -28.56 6.55 20.15
N LEU K 67 -28.37 7.83 20.38
CA LEU K 67 -28.92 8.89 19.57
C LEU K 67 -27.86 9.97 19.40
N HIS K 68 -27.87 10.65 18.26
CA HIS K 68 -26.82 11.61 17.94
C HIS K 68 -27.39 13.01 17.86
N LEU K 69 -26.77 13.92 18.60
CA LEU K 69 -27.17 15.33 18.65
C LEU K 69 -26.20 16.15 17.81
N VAL K 70 -26.69 16.70 16.70
CA VAL K 70 -25.88 17.56 15.86
C VAL K 70 -26.16 19.01 16.23
N LEU K 71 -25.09 19.80 16.37
CA LEU K 71 -25.21 21.21 16.72
C LEU K 71 -25.33 22.01 15.42
N ARG K 72 -26.51 22.60 15.21
CA ARG K 72 -26.76 23.37 14.01
C ARG K 72 -26.26 24.79 14.18
N LEU K 73 -25.14 25.13 13.55
CA LEU K 73 -24.52 26.44 13.72
C LEU K 73 -24.99 27.40 12.63
N ARG K 74 -25.84 28.34 13.01
CA ARG K 74 -26.21 29.45 12.14
C ARG K 74 -25.54 30.73 12.61
N GLY K 75 -24.95 31.45 11.67
CA GLY K 75 -24.24 32.68 11.96
C GLY K 75 -22.93 32.79 11.21
N LYS L 1 -19.85 -1.70 8.99
CA LYS L 1 -19.07 -0.50 9.25
C LYS L 1 -18.54 0.11 7.95
N ALA L 2 -18.34 -0.74 6.94
CA ALA L 2 -17.86 -0.32 5.62
C ALA L 2 -19.08 -0.38 4.70
N ALA L 3 -19.83 0.71 4.70
CA ALA L 3 -21.13 0.77 4.05
C ALA L 3 -21.44 2.25 3.81
N ASP L 4 -22.72 2.56 3.61
CA ASP L 4 -23.20 3.94 3.69
C ASP L 4 -22.48 4.65 4.83
N ILE L 5 -22.12 5.92 4.60
CA ILE L 5 -20.87 6.46 5.09
C ILE L 5 -20.62 6.19 6.57
N SER L 6 -21.42 6.75 7.47
CA SER L 6 -21.41 6.36 8.89
C SER L 6 -22.37 7.21 9.71
N LEU L 7 -22.75 6.71 10.88
CA LEU L 7 -23.15 7.57 11.98
C LEU L 7 -22.70 7.04 13.32
N ASP L 8 -22.06 5.86 13.37
CA ASP L 8 -21.83 5.20 14.64
C ASP L 8 -20.36 4.99 14.94
N ASN L 9 -19.53 4.82 13.92
CA ASN L 9 -18.14 4.40 14.15
C ASN L 9 -17.23 5.59 14.38
N LEU L 10 -17.78 6.72 14.85
CA LEU L 10 -17.04 7.98 14.79
C LEU L 10 -15.65 7.91 15.39
N VAL L 11 -15.52 7.87 16.71
CA VAL L 11 -14.19 8.07 17.28
C VAL L 11 -14.15 7.82 18.78
N GLU L 12 -12.98 7.42 19.27
CA GLU L 12 -12.64 7.54 20.68
C GLU L 12 -11.93 8.87 20.90
N GLY L 13 -11.22 9.03 22.02
CA GLY L 13 -10.45 10.23 22.23
C GLY L 13 -9.31 10.42 21.25
N LYS L 14 -8.39 11.34 21.54
CA LYS L 14 -7.27 11.61 20.66
C LYS L 14 -6.33 10.41 20.66
N ARG L 15 -5.74 10.10 19.51
CA ARG L 15 -4.82 8.97 19.35
C ARG L 15 -3.39 9.35 19.73
N LYS L 16 -3.10 9.49 21.02
CA LYS L 16 -1.81 10.00 21.46
C LYS L 16 -0.65 9.17 20.92
N ARG L 17 -0.54 7.91 21.38
CA ARG L 17 0.47 6.96 20.93
C ARG L 17 1.86 7.62 20.85
N ARG L 18 2.31 8.06 22.03
CA ARG L 18 3.54 8.82 22.17
C ARG L 18 3.48 10.11 21.35
N SER M 1 -14.07 -13.46 39.80
CA SER M 1 -13.19 -13.47 38.64
C SER M 1 -11.74 -13.71 39.06
N PHE M 2 -11.56 -14.28 40.24
CA PHE M 2 -10.23 -14.55 40.78
C PHE M 2 -9.73 -15.88 40.20
N VAL M 3 -8.60 -16.36 40.73
CA VAL M 3 -8.02 -17.62 40.28
C VAL M 3 -8.75 -18.78 40.96
N GLY M 4 -9.33 -19.66 40.16
CA GLY M 4 -10.06 -20.79 40.69
C GLY M 4 -11.49 -20.87 40.19
N LEU M 5 -11.82 -20.08 39.17
CA LEU M 5 -13.16 -20.04 38.61
C LEU M 5 -13.18 -20.78 37.29
N ARG M 6 -14.05 -21.79 37.18
CA ARG M 6 -14.20 -22.57 35.96
C ARG M 6 -15.27 -21.92 35.08
N VAL M 7 -14.83 -20.92 34.32
CA VAL M 7 -15.72 -20.14 33.47
C VAL M 7 -15.64 -20.67 32.05
N VAL M 8 -16.71 -20.44 31.29
CA VAL M 8 -16.81 -20.87 29.90
C VAL M 8 -16.77 -19.63 29.02
N ALA M 9 -15.90 -19.64 28.01
CA ALA M 9 -15.70 -18.46 27.18
C ALA M 9 -15.16 -18.88 25.83
N LYS M 10 -15.30 -17.97 24.87
CA LYS M 10 -14.70 -18.11 23.56
C LYS M 10 -13.22 -17.71 23.61
N TRP M 11 -12.54 -17.87 22.47
CA TRP M 11 -11.13 -17.53 22.40
C TRP M 11 -10.74 -16.84 21.09
N SER M 12 -11.69 -16.54 20.21
CA SER M 12 -11.39 -15.90 18.94
C SER M 12 -12.66 -15.20 18.45
N SER M 13 -12.61 -14.69 17.22
CA SER M 13 -13.78 -14.06 16.62
C SER M 13 -14.87 -15.10 16.39
N ASN M 14 -16.11 -14.73 16.75
CA ASN M 14 -17.31 -15.54 16.63
C ASN M 14 -17.09 -17.00 17.02
N GLY M 15 -16.22 -17.24 18.01
CA GLY M 15 -15.89 -18.58 18.42
C GLY M 15 -16.91 -19.17 19.36
N TYR M 16 -16.72 -20.45 19.67
CA TYR M 16 -17.61 -21.19 20.56
C TYR M 16 -17.02 -21.25 21.96
N PHE M 17 -17.88 -21.11 22.96
CA PHE M 17 -17.47 -20.96 24.35
C PHE M 17 -16.90 -22.27 24.86
N TYR M 18 -15.73 -22.20 25.50
CA TYR M 18 -15.04 -23.36 26.03
C TYR M 18 -14.79 -23.16 27.51
N SER M 19 -15.04 -24.22 28.30
CA SER M 19 -14.88 -24.15 29.75
C SER M 19 -13.40 -24.28 30.09
N GLY M 20 -12.86 -23.29 30.80
CA GLY M 20 -11.46 -23.28 31.18
C GLY M 20 -11.32 -22.94 32.66
N LYS M 21 -10.29 -22.15 32.96
CA LYS M 21 -10.00 -21.74 34.33
C LYS M 21 -9.23 -20.44 34.32
N ILE M 22 -9.56 -19.54 35.24
CA ILE M 22 -8.86 -18.28 35.37
C ILE M 22 -7.52 -18.56 36.07
N THR M 23 -6.42 -18.39 35.34
CA THR M 23 -5.09 -18.61 35.89
C THR M 23 -4.27 -17.34 36.03
N ARG M 24 -4.45 -16.37 35.13
CA ARG M 24 -3.75 -15.09 35.24
C ARG M 24 -4.53 -14.05 34.46
N ASP M 25 -4.30 -12.79 34.80
CA ASP M 25 -4.94 -11.66 34.13
C ASP M 25 -3.89 -10.92 33.31
N VAL M 26 -4.06 -10.93 31.99
CA VAL M 26 -3.13 -10.23 31.12
C VAL M 26 -3.19 -8.72 31.37
N GLY M 27 -4.38 -8.17 31.49
CA GLY M 27 -4.56 -6.75 31.72
C GLY M 27 -5.62 -6.21 30.78
N ALA M 28 -6.19 -5.06 31.16
CA ALA M 28 -7.25 -4.40 30.38
C ALA M 28 -8.43 -5.35 30.14
N GLY M 29 -8.79 -6.10 31.17
CA GLY M 29 -9.90 -7.03 31.08
C GLY M 29 -9.66 -8.17 30.10
N LYS M 30 -8.46 -8.77 30.16
CA LYS M 30 -8.11 -9.93 29.35
C LYS M 30 -7.75 -11.07 30.29
N TYR M 31 -8.71 -11.99 30.48
CA TYR M 31 -8.57 -13.07 31.46
C TYR M 31 -8.13 -14.32 30.72
N LYS M 32 -6.93 -14.80 31.03
CA LYS M 32 -6.40 -16.00 30.39
C LYS M 32 -7.13 -17.23 30.89
N LEU M 33 -7.32 -18.21 30.00
CA LEU M 33 -7.99 -19.45 30.31
C LEU M 33 -7.10 -20.64 29.94
N LEU M 34 -7.18 -21.68 30.75
CA LEU M 34 -6.49 -22.95 30.49
C LEU M 34 -7.51 -23.93 29.95
N PHE M 35 -7.62 -24.02 28.62
CA PHE M 35 -8.54 -24.95 28.01
C PHE M 35 -8.06 -26.39 28.19
N ASP M 36 -8.98 -27.32 28.06
CA ASP M 36 -8.72 -28.74 28.29
C ASP M 36 -8.22 -29.46 27.04
N ASP M 37 -7.78 -28.73 26.02
CA ASP M 37 -7.27 -29.33 24.80
C ASP M 37 -5.85 -28.87 24.50
N GLY M 38 -5.10 -28.44 25.51
CA GLY M 38 -3.74 -27.97 25.31
C GLY M 38 -3.64 -26.56 24.75
N TYR M 39 -4.73 -25.82 24.70
CA TYR M 39 -4.75 -24.48 24.14
C TYR M 39 -4.82 -23.45 25.26
N GLU M 40 -3.95 -22.45 25.19
CA GLU M 40 -3.91 -21.40 26.21
C GLU M 40 -3.52 -20.09 25.54
N CYS M 41 -4.37 -19.09 25.66
CA CYS M 41 -4.12 -17.78 25.07
C CYS M 41 -4.87 -16.73 25.88
N ASP M 42 -4.97 -15.52 25.34
CA ASP M 42 -5.60 -14.40 26.03
C ASP M 42 -7.04 -14.25 25.57
N VAL M 43 -7.96 -14.13 26.52
CA VAL M 43 -9.39 -13.98 26.25
C VAL M 43 -9.87 -12.71 26.93
N LEU M 44 -10.54 -11.85 26.15
CA LEU M 44 -11.02 -10.59 26.69
C LEU M 44 -12.16 -10.86 27.69
N GLY M 45 -12.28 -9.96 28.68
CA GLY M 45 -13.19 -10.21 29.79
C GLY M 45 -14.64 -10.30 29.42
N LYS M 46 -15.13 -9.41 28.55
CA LYS M 46 -16.55 -9.36 28.25
C LYS M 46 -17.03 -10.55 27.43
N ASP M 47 -16.10 -11.33 26.85
CA ASP M 47 -16.45 -12.54 26.11
C ASP M 47 -16.44 -13.78 26.98
N ILE M 48 -16.57 -13.64 28.29
CA ILE M 48 -16.43 -14.74 29.24
C ILE M 48 -17.72 -14.88 30.01
N LEU M 49 -18.24 -16.11 30.08
CA LEU M 49 -19.44 -16.43 30.84
C LEU M 49 -19.06 -17.09 32.15
N LEU M 50 -19.55 -16.53 33.26
CA LEU M 50 -19.24 -17.05 34.60
C LEU M 50 -20.33 -18.03 35.00
N CYS M 51 -20.03 -19.32 34.91
CA CYS M 51 -20.98 -20.35 35.30
C CYS M 51 -20.21 -21.57 35.80
N ASP M 52 -20.51 -21.98 37.03
CA ASP M 52 -19.86 -23.14 37.62
C ASP M 52 -20.73 -23.72 38.74
N PRO M 53 -21.57 -24.72 38.44
CA PRO M 53 -21.74 -25.31 37.11
C PRO M 53 -22.68 -24.50 36.21
N ILE M 54 -22.77 -24.91 34.96
CA ILE M 54 -23.67 -24.23 34.00
C ILE M 54 -25.11 -24.40 34.46
N PRO M 55 -25.95 -23.35 34.38
CA PRO M 55 -27.34 -23.48 34.84
C PRO M 55 -28.12 -24.58 34.13
N LEU M 56 -29.20 -25.03 34.76
CA LEU M 56 -29.96 -26.16 34.24
C LEU M 56 -30.63 -25.83 32.92
N ASP M 57 -31.14 -24.60 32.78
CA ASP M 57 -31.92 -24.21 31.61
C ASP M 57 -31.05 -23.59 30.51
N THR M 58 -29.79 -23.99 30.42
CA THR M 58 -28.87 -23.51 29.39
C THR M 58 -28.72 -24.59 28.32
N GLU M 59 -29.01 -24.24 27.07
CA GLU M 59 -28.85 -25.16 25.95
C GLU M 59 -27.37 -25.23 25.55
N VAL M 60 -26.86 -26.46 25.42
CA VAL M 60 -25.45 -26.68 25.09
C VAL M 60 -25.36 -27.54 23.85
N THR M 61 -24.13 -27.85 23.43
CA THR M 61 -23.88 -28.76 22.33
C THR M 61 -23.12 -29.97 22.86
N ALA M 62 -23.72 -31.16 22.70
CA ALA M 62 -23.07 -32.39 23.13
C ALA M 62 -22.05 -32.83 22.10
N LEU M 63 -20.90 -33.29 22.57
CA LEU M 63 -19.80 -33.67 21.70
C LEU M 63 -19.45 -35.14 21.90
N SER M 64 -19.42 -35.88 20.79
CA SER M 64 -18.89 -37.23 20.76
C SER M 64 -18.16 -37.38 19.42
N GLU M 65 -17.87 -38.62 19.03
CA GLU M 65 -17.14 -38.85 17.79
C GLU M 65 -17.96 -38.34 16.60
N ASP M 66 -17.36 -37.40 15.86
CA ASP M 66 -17.95 -36.83 14.64
C ASP M 66 -19.30 -36.16 14.94
N GLU M 67 -19.29 -35.21 15.87
CA GLU M 67 -20.48 -34.45 16.22
C GLU M 67 -20.13 -32.97 16.27
N TYR M 68 -20.93 -32.14 15.60
CA TYR M 68 -20.66 -30.71 15.49
C TYR M 68 -21.76 -29.85 16.08
N PHE M 69 -23.02 -30.13 15.75
CA PHE M 69 -24.13 -29.26 16.12
C PHE M 69 -25.28 -30.08 16.71
N SER M 70 -24.96 -30.96 17.65
CA SER M 70 -25.96 -31.73 18.37
C SER M 70 -26.49 -30.86 19.51
N ALA M 71 -27.75 -30.42 19.38
CA ALA M 71 -28.34 -29.47 20.31
C ALA M 71 -29.08 -30.21 21.41
N GLY M 72 -28.79 -29.84 22.66
CA GLY M 72 -29.42 -30.44 23.81
C GLY M 72 -29.34 -29.51 25.01
N VAL M 73 -29.99 -29.93 26.10
CA VAL M 73 -30.06 -29.15 27.32
C VAL M 73 -29.50 -29.99 28.46
N VAL M 74 -28.61 -29.38 29.26
CA VAL M 74 -28.05 -30.07 30.42
C VAL M 74 -29.15 -30.32 31.43
N LYS M 75 -29.39 -31.59 31.75
CA LYS M 75 -30.44 -31.97 32.69
C LYS M 75 -29.87 -32.82 33.83
N GLY M 76 -28.58 -32.67 34.10
CA GLY M 76 -27.95 -33.38 35.20
C GLY M 76 -26.50 -33.00 35.39
N HIS M 77 -26.11 -32.71 36.63
CA HIS M 77 -24.74 -32.36 36.99
C HIS M 77 -24.24 -33.41 37.97
N ARG M 78 -23.73 -34.51 37.43
CA ARG M 78 -23.27 -35.64 38.24
C ARG M 78 -21.76 -35.62 38.35
N LYS M 79 -21.26 -35.71 39.58
CA LYS M 79 -19.83 -35.69 39.84
C LYS M 79 -19.30 -37.13 39.83
N GLU M 80 -18.40 -37.41 38.88
CA GLU M 80 -17.79 -38.73 38.74
C GLU M 80 -16.34 -38.62 39.17
N SER M 81 -16.11 -38.79 40.48
CA SER M 81 -14.78 -38.71 41.07
C SER M 81 -14.07 -37.40 40.71
N GLY M 82 -14.82 -36.30 40.78
CA GLY M 82 -14.31 -34.99 40.44
C GLY M 82 -14.50 -34.58 39.00
N GLU M 83 -14.97 -35.49 38.13
CA GLU M 83 -15.23 -35.19 36.74
C GLU M 83 -16.75 -35.11 36.56
N LEU M 84 -17.26 -33.90 36.38
CA LEU M 84 -18.69 -33.68 36.31
C LEU M 84 -19.15 -33.80 34.86
N TYR M 85 -20.13 -34.66 34.63
CA TYR M 85 -20.66 -34.93 33.30
C TYR M 85 -21.98 -34.19 33.10
N TYR M 86 -22.20 -33.69 31.89
CA TYR M 86 -23.43 -32.99 31.54
C TYR M 86 -24.42 -33.99 30.95
N SER M 87 -25.63 -34.03 31.51
CA SER M 87 -26.68 -34.90 31.02
C SER M 87 -27.44 -34.17 29.91
N ILE M 88 -27.21 -34.59 28.67
CA ILE M 88 -27.78 -33.93 27.50
C ILE M 88 -29.10 -34.62 27.17
N GLU M 89 -30.19 -33.87 27.23
CA GLU M 89 -31.51 -34.40 26.90
C GLU M 89 -31.99 -33.79 25.59
N LYS M 90 -32.23 -34.64 24.60
CA LYS M 90 -32.75 -34.22 23.30
C LYS M 90 -33.96 -35.08 22.96
N GLU M 91 -35.07 -34.42 22.63
CA GLU M 91 -36.33 -35.10 22.31
C GLU M 91 -36.80 -36.02 23.42
N GLY M 92 -36.51 -35.65 24.67
CA GLY M 92 -36.91 -36.43 25.83
C GLY M 92 -35.97 -37.55 26.22
N GLN M 93 -34.89 -37.77 25.47
CA GLN M 93 -33.93 -38.82 25.76
C GLN M 93 -32.66 -38.20 26.32
N ARG M 94 -32.22 -38.68 27.47
CA ARG M 94 -31.08 -38.11 28.19
C ARG M 94 -29.83 -38.93 27.95
N LYS M 95 -28.73 -38.24 27.65
CA LYS M 95 -27.42 -38.86 27.49
C LYS M 95 -26.39 -38.04 28.25
N TRP M 96 -25.37 -38.72 28.74
CA TRP M 96 -24.33 -38.10 29.55
C TRP M 96 -23.09 -37.87 28.69
N TYR M 97 -22.53 -36.66 28.76
CA TYR M 97 -21.33 -36.31 28.03
C TYR M 97 -20.40 -35.52 28.93
N LYS M 98 -19.11 -35.58 28.61
CA LYS M 98 -18.06 -35.05 29.46
C LYS M 98 -18.07 -33.52 29.48
N ARG M 99 -17.56 -32.97 30.58
CA ARG M 99 -17.37 -31.52 30.68
C ARG M 99 -16.37 -31.04 29.64
N MET M 100 -15.38 -31.86 29.31
CA MET M 100 -14.44 -31.52 28.24
C MET M 100 -15.13 -31.43 26.90
N ALA M 101 -16.03 -32.37 26.59
CA ALA M 101 -16.65 -32.47 25.27
C ALA M 101 -18.04 -31.83 25.29
N VAL M 102 -18.06 -30.51 25.49
CA VAL M 102 -19.27 -29.72 25.34
C VAL M 102 -18.91 -28.39 24.70
N ILE M 103 -19.90 -27.79 24.04
CA ILE M 103 -19.75 -26.52 23.35
C ILE M 103 -20.97 -25.65 23.63
N LEU M 104 -20.73 -24.38 23.95
CA LEU M 104 -21.79 -23.38 24.04
C LEU M 104 -21.71 -22.51 22.79
N SER M 105 -22.74 -22.59 21.94
CA SER M 105 -22.71 -21.95 20.64
C SER M 105 -22.99 -20.45 20.75
N LEU M 106 -23.07 -19.78 19.60
CA LEU M 106 -23.31 -18.34 19.56
C LEU M 106 -24.76 -18.00 19.92
N GLU M 107 -25.72 -18.65 19.27
CA GLU M 107 -27.12 -18.41 19.60
C GLU M 107 -27.46 -18.87 21.02
N GLN M 108 -26.93 -20.02 21.43
CA GLN M 108 -27.16 -20.51 22.79
C GLN M 108 -26.41 -19.69 23.83
N GLY M 109 -25.31 -19.06 23.45
CA GLY M 109 -24.54 -18.25 24.38
C GLY M 109 -25.02 -16.82 24.47
N ASN M 110 -25.79 -16.38 23.47
CA ASN M 110 -26.40 -15.06 23.51
C ASN M 110 -27.55 -14.99 24.49
N ARG M 111 -28.06 -16.13 24.96
CA ARG M 111 -29.05 -16.11 26.03
C ARG M 111 -28.41 -15.90 27.39
N LEU M 112 -27.10 -16.09 27.51
CA LEU M 112 -26.39 -15.90 28.77
C LEU M 112 -25.46 -14.71 28.79
N ARG M 113 -25.03 -14.21 27.61
CA ARG M 113 -24.03 -13.14 27.58
C ARG M 113 -24.48 -11.92 28.37
N GLU M 114 -25.79 -11.61 28.36
CA GLU M 114 -26.27 -10.45 29.10
C GLU M 114 -26.23 -10.66 30.61
N GLN M 115 -26.12 -11.91 31.07
CA GLN M 115 -26.15 -12.22 32.50
C GLN M 115 -24.78 -12.54 33.07
N TYR M 116 -24.03 -13.45 32.43
CA TYR M 116 -22.74 -13.89 32.94
C TYR M 116 -21.57 -13.34 32.15
N GLY M 117 -21.79 -12.33 31.31
CA GLY M 117 -20.73 -11.80 30.47
C GLY M 117 -19.58 -11.18 31.24
N LEU M 118 -19.78 -10.81 32.50
CA LEU M 118 -18.74 -10.25 33.35
C LEU M 118 -18.13 -8.98 32.76
#